data_6RLC
#
_entry.id   6RLC
#
_cell.length_a   29.230
_cell.length_b   57.512
_cell.length_c   101.094
_cell.angle_alpha   93.99
_cell.angle_beta   96.08
_cell.angle_gamma   107.70
#
_symmetry.space_group_name_H-M   'P 1'
#
loop_
_entity.id
_entity.type
_entity.pdbx_description
1 polymer Syntenin-1
2 non-polymer '(2~{S})-2-[3-(4-chlorophenyl)sulfanylpropanoylamino]-3-methyl-butanoic acid'
3 non-polymer 'ACETATE ION'
4 water water
#
_entity_poly.entity_id   1
_entity_poly.type   'polypeptide(L)'
_entity_poly.pdbx_seq_one_letter_code
;GAMDPREVILCKDQDGKIGLRLKSIDNGIFVQLVQANSPASLVGLRFGDQVLQINGENCAGWSSDKAHKVLKQAFGEKIT
MTIRDRPFERTITMHKDSTGHVGFIFKNGKITSIVKDSSAARNGLLTEHNICEINGQNVIGLKDSQIADILSTSGTVVTI
TIMPAF
;
_entity_poly.pdbx_strand_id   A,B,C,D
#
loop_
_chem_comp.id
_chem_comp.type
_chem_comp.name
_chem_comp.formula
ACT non-polymer 'ACETATE ION' 'C2 H3 O2 -1'
K7Z non-polymer '(2~{S})-2-[3-(4-chlorophenyl)sulfanylpropanoylamino]-3-methyl-butanoic acid' 'C14 H18 Cl N O3 S'
#
# COMPACT_ATOMS: atom_id res chain seq x y z
N ASP A 4 -13.25 32.16 0.22
CA ASP A 4 -12.78 31.56 1.51
C ASP A 4 -13.97 31.01 2.31
N PRO A 5 -14.81 31.73 3.11
CA PRO A 5 -15.94 31.08 3.79
C PRO A 5 -16.99 30.50 2.84
N ARG A 6 -17.67 29.45 3.28
CA ARG A 6 -18.81 28.85 2.56
C ARG A 6 -19.94 28.62 3.56
N GLU A 7 -21.18 28.62 3.09
CA GLU A 7 -22.38 28.41 3.93
C GLU A 7 -22.84 26.97 3.77
N VAL A 8 -23.22 26.34 4.86
CA VAL A 8 -23.83 24.97 4.85
C VAL A 8 -25.16 25.05 5.60
N ILE A 9 -26.16 24.27 5.16
CA ILE A 9 -27.48 24.08 5.84
C ILE A 9 -27.56 22.63 6.33
N LEU A 10 -27.69 22.44 7.65
CA LEU A 10 -27.94 21.11 8.26
C LEU A 10 -29.40 21.01 8.71
N CYS A 11 -29.95 19.80 8.61
CA CYS A 11 -31.22 19.37 9.23
C CYS A 11 -30.86 18.33 10.31
N LYS A 12 -31.40 18.47 11.52
CA LYS A 12 -31.22 17.45 12.59
C LYS A 12 -31.80 16.12 12.09
N ASP A 13 -31.17 14.99 12.46
CA ASP A 13 -31.61 13.62 12.05
C ASP A 13 -32.76 13.17 12.95
N GLN A 14 -33.16 11.91 12.84
CA GLN A 14 -34.28 11.26 13.60
C GLN A 14 -34.10 11.45 15.11
N ASP A 15 -32.85 11.48 15.60
CA ASP A 15 -32.54 11.54 17.05
C ASP A 15 -32.35 12.99 17.50
N GLY A 16 -32.50 13.99 16.60
CA GLY A 16 -32.32 15.42 16.89
C GLY A 16 -30.86 15.85 16.88
N LYS A 17 -29.96 15.03 16.31
CA LYS A 17 -28.49 15.29 16.30
C LYS A 17 -28.04 15.73 14.90
N ILE A 18 -26.94 16.47 14.81
CA ILE A 18 -26.30 16.82 13.51
C ILE A 18 -25.01 16.02 13.34
N GLY A 19 -24.47 15.43 14.42
CA GLY A 19 -23.28 14.53 14.40
C GLY A 19 -21.98 15.31 14.46
N LEU A 20 -21.93 16.34 15.31
CA LEU A 20 -20.84 17.34 15.38
C LEU A 20 -20.41 17.46 16.85
N ARG A 21 -19.11 17.44 17.11
CA ARG A 21 -18.51 18.02 18.33
C ARG A 21 -17.64 19.21 17.89
N LEU A 22 -17.82 20.34 18.58
CA LEU A 22 -17.07 21.60 18.35
C LEU A 22 -16.12 21.83 19.52
N LYS A 23 -15.02 22.53 19.25
CA LYS A 23 -14.00 22.89 20.27
C LYS A 23 -13.59 24.35 20.08
N SER A 24 -13.58 25.11 21.18
CA SER A 24 -13.02 26.48 21.26
C SER A 24 -11.50 26.40 21.28
N ILE A 25 -10.84 26.99 20.29
CA ILE A 25 -9.36 27.13 20.22
C ILE A 25 -9.04 28.55 19.75
N ASP A 26 -8.15 29.23 20.47
CA ASP A 26 -7.62 30.58 20.08
C ASP A 26 -8.81 31.52 19.78
N ASN A 27 -9.89 31.44 20.56
CA ASN A 27 -11.10 32.29 20.46
C ASN A 27 -11.77 32.11 19.10
N GLY A 28 -11.55 30.96 18.46
CA GLY A 28 -12.36 30.48 17.33
C GLY A 28 -13.08 29.21 17.72
N ILE A 29 -13.89 28.69 16.80
CA ILE A 29 -14.63 27.40 16.98
C ILE A 29 -14.23 26.49 15.82
N PHE A 30 -13.78 25.30 16.17
CA PHE A 30 -13.33 24.28 15.19
C PHE A 30 -14.11 22.98 15.39
N VAL A 31 -14.29 22.28 14.26
CA VAL A 31 -14.91 20.93 14.23
C VAL A 31 -13.90 19.92 14.79
N GLN A 32 -14.20 19.31 15.94
CA GLN A 32 -13.34 18.29 16.58
C GLN A 32 -13.76 16.88 16.13
N LEU A 33 -15.05 16.66 15.84
CA LEU A 33 -15.61 15.32 15.50
C LEU A 33 -16.78 15.49 14.53
N VAL A 34 -16.78 14.70 13.45
CA VAL A 34 -17.92 14.52 12.50
C VAL A 34 -18.31 13.03 12.50
N GLN A 35 -19.52 12.69 12.93
CA GLN A 35 -19.98 11.29 12.98
C GLN A 35 -20.24 10.82 11.55
N ALA A 36 -19.77 9.62 11.21
CA ALA A 36 -20.01 8.96 9.90
C ALA A 36 -21.51 8.98 9.62
N ASN A 37 -21.87 9.37 8.38
CA ASN A 37 -23.23 9.30 7.81
C ASN A 37 -24.20 10.24 8.55
N SER A 38 -23.67 11.24 9.24
CA SER A 38 -24.45 12.27 9.97
C SER A 38 -24.87 13.39 9.00
N PRO A 39 -25.88 14.21 9.35
CA PRO A 39 -26.13 15.45 8.61
C PRO A 39 -24.87 16.30 8.37
N ALA A 40 -24.03 16.44 9.40
CA ALA A 40 -22.72 17.14 9.33
C ALA A 40 -21.86 16.52 8.22
N SER A 41 -21.73 15.20 8.22
CA SER A 41 -20.92 14.45 7.21
C SER A 41 -21.45 14.76 5.80
N LEU A 42 -22.77 14.79 5.64
CA LEU A 42 -23.43 14.87 4.30
C LEU A 42 -23.29 16.26 3.69
N VAL A 43 -23.06 17.32 4.48
CA VAL A 43 -22.84 18.70 3.94
C VAL A 43 -21.34 19.02 3.85
N GLY A 44 -20.47 18.03 4.08
CA GLY A 44 -19.01 18.12 3.84
C GLY A 44 -18.22 18.68 5.00
N LEU A 45 -18.79 18.79 6.20
CA LEU A 45 -18.02 19.23 7.41
C LEU A 45 -16.97 18.19 7.73
N ARG A 46 -15.78 18.64 8.16
CA ARG A 46 -14.59 17.78 8.41
C ARG A 46 -13.86 18.26 9.66
N PHE A 47 -13.24 17.35 10.37
CA PHE A 47 -12.23 17.64 11.43
C PHE A 47 -11.36 18.81 10.96
N GLY A 48 -11.28 19.86 11.80
CA GLY A 48 -10.39 21.02 11.58
C GLY A 48 -11.06 22.16 10.84
N ASP A 49 -12.27 21.98 10.30
CA ASP A 49 -13.06 23.12 9.75
C ASP A 49 -13.22 24.16 10.85
N GLN A 50 -13.14 25.43 10.45
CA GLN A 50 -13.41 26.58 11.35
C GLN A 50 -14.84 27.03 11.13
N VAL A 51 -15.57 27.20 12.23
CA VAL A 51 -16.96 27.75 12.21
C VAL A 51 -16.90 29.25 12.52
N LEU A 52 -17.21 30.09 11.53
CA LEU A 52 -17.21 31.58 11.68
C LEU A 52 -18.55 32.04 12.26
N GLN A 53 -19.66 31.50 11.75
CA GLN A 53 -21.04 31.89 12.15
C GLN A 53 -21.92 30.64 12.32
N ILE A 54 -22.77 30.65 13.33
CA ILE A 54 -23.92 29.73 13.46
C ILE A 54 -25.21 30.57 13.41
N ASN A 55 -26.08 30.28 12.43
CA ASN A 55 -27.33 31.04 12.15
C ASN A 55 -27.02 32.53 12.10
N GLY A 56 -25.91 32.90 11.43
CA GLY A 56 -25.53 34.30 11.12
C GLY A 56 -24.95 35.04 12.30
N GLU A 57 -24.74 34.38 13.45
CA GLU A 57 -24.08 34.97 14.64
C GLU A 57 -22.61 34.50 14.68
N ASN A 58 -21.70 35.45 14.91
CA ASN A 58 -20.25 35.20 15.04
C ASN A 58 -19.96 34.25 16.20
N CYS A 59 -19.13 33.24 15.96
CA CYS A 59 -18.65 32.28 16.98
C CYS A 59 -17.46 32.82 17.78
N ALA A 60 -16.88 33.96 17.36
CA ALA A 60 -15.66 34.52 17.98
C ALA A 60 -15.82 34.58 19.50
N GLY A 61 -14.90 34.00 20.25
CA GLY A 61 -14.85 34.03 21.72
C GLY A 61 -15.85 33.08 22.38
N TRP A 62 -16.65 32.32 21.64
CA TRP A 62 -17.60 31.33 22.24
C TRP A 62 -16.82 30.18 22.87
N SER A 63 -17.25 29.75 24.06
CA SER A 63 -16.82 28.47 24.68
C SER A 63 -17.39 27.33 23.83
N SER A 64 -16.77 26.13 23.88
CA SER A 64 -17.34 24.88 23.32
C SER A 64 -18.79 24.68 23.80
N ASP A 65 -19.05 24.88 25.11
CA ASP A 65 -20.39 24.74 25.74
C ASP A 65 -21.38 25.66 25.05
N LYS A 66 -21.02 26.93 24.85
CA LYS A 66 -21.90 27.93 24.23
C LYS A 66 -22.26 27.47 22.81
N ALA A 67 -21.28 27.09 22.00
CA ALA A 67 -21.50 26.63 20.61
C ALA A 67 -22.51 25.47 20.64
N HIS A 68 -22.31 24.51 21.55
CA HIS A 68 -23.16 23.31 21.70
C HIS A 68 -24.57 23.70 22.18
N LYS A 69 -24.67 24.60 23.15
CA LYS A 69 -25.99 25.11 23.63
C LYS A 69 -26.72 25.77 22.46
N VAL A 70 -26.04 26.62 21.69
CA VAL A 70 -26.68 27.37 20.57
C VAL A 70 -27.23 26.36 19.55
N LEU A 71 -26.47 25.30 19.23
CA LEU A 71 -26.89 24.26 18.27
C LEU A 71 -28.10 23.52 18.82
N LYS A 72 -28.07 23.14 20.10
CA LYS A 72 -29.12 22.34 20.79
C LYS A 72 -30.43 23.14 20.84
N GLN A 73 -30.36 24.45 21.10
CA GLN A 73 -31.54 25.33 21.29
C GLN A 73 -32.06 25.84 19.95
N ALA A 74 -31.32 25.67 18.85
CA ALA A 74 -31.68 26.22 17.52
C ALA A 74 -33.13 25.88 17.17
N PHE A 75 -34.00 26.90 17.11
CA PHE A 75 -35.43 26.79 16.72
C PHE A 75 -35.50 26.31 15.27
N GLY A 76 -36.32 25.28 14.99
CA GLY A 76 -36.57 24.76 13.63
C GLY A 76 -35.75 23.53 13.28
N GLU A 77 -35.98 22.98 12.09
CA GLU A 77 -35.25 21.80 11.56
C GLU A 77 -33.87 22.24 11.04
N LYS A 78 -33.73 23.53 10.69
CA LYS A 78 -32.70 24.03 9.74
C LYS A 78 -31.67 24.93 10.45
N ILE A 79 -30.40 24.54 10.37
CA ILE A 79 -29.25 25.26 10.99
C ILE A 79 -28.27 25.65 9.89
N THR A 80 -27.97 26.94 9.79
CA THR A 80 -26.93 27.49 8.88
C THR A 80 -25.62 27.66 9.65
N MET A 81 -24.52 27.33 9.00
CA MET A 81 -23.16 27.60 9.52
C MET A 81 -22.33 28.21 8.40
N THR A 82 -21.52 29.22 8.74
CA THR A 82 -20.47 29.76 7.84
C THR A 82 -19.15 29.11 8.23
N ILE A 83 -18.48 28.51 7.25
CA ILE A 83 -17.38 27.52 7.44
C ILE A 83 -16.16 27.99 6.65
N ARG A 84 -14.99 27.88 7.27
CA ARG A 84 -13.70 27.94 6.56
C ARG A 84 -13.19 26.51 6.52
N ASP A 85 -12.95 26.00 5.31
CA ASP A 85 -12.52 24.60 5.04
C ASP A 85 -11.12 24.41 5.63
N ARG A 86 -10.97 23.43 6.54
CA ARG A 86 -9.68 22.98 7.13
C ARG A 86 -8.57 23.98 6.84
N PRO A 87 -8.57 25.17 7.47
CA PRO A 87 -7.59 26.22 7.14
C PRO A 87 -6.14 25.93 7.56
N PHE A 88 -5.92 25.08 8.56
CA PHE A 88 -4.58 24.72 9.08
C PHE A 88 -4.05 23.45 8.41
N GLU A 89 -4.76 22.92 7.42
CA GLU A 89 -4.42 21.69 6.65
C GLU A 89 -3.15 21.94 5.83
N ARG A 90 -2.15 21.07 5.93
CA ARG A 90 -0.91 21.10 5.13
C ARG A 90 -0.61 19.69 4.61
N THR A 91 -0.09 19.60 3.39
CA THR A 91 0.29 18.34 2.73
C THR A 91 1.82 18.21 2.67
N ILE A 92 2.35 17.03 2.99
CA ILE A 92 3.79 16.68 2.85
C ILE A 92 3.89 15.35 2.10
N THR A 93 4.80 15.27 1.12
CA THR A 93 5.07 14.05 0.32
C THR A 93 6.34 13.39 0.82
N MET A 94 6.28 12.11 1.08
CA MET A 94 7.43 11.27 1.49
C MET A 94 7.53 10.05 0.58
N HIS A 95 8.69 9.38 0.60
CA HIS A 95 8.99 8.16 -0.19
C HIS A 95 9.35 7.06 0.80
N LYS A 96 8.75 5.90 0.65
CA LYS A 96 9.10 4.68 1.44
C LYS A 96 10.56 4.31 1.15
N ASP A 97 11.29 3.90 2.19
CA ASP A 97 12.68 3.36 2.09
C ASP A 97 12.60 1.88 1.70
N SER A 98 13.75 1.20 1.66
CA SER A 98 13.89 -0.23 1.27
C SER A 98 13.08 -1.13 2.20
N THR A 99 12.80 -0.72 3.44
CA THR A 99 11.99 -1.49 4.42
C THR A 99 10.48 -1.13 4.33
N GLY A 100 10.08 -0.24 3.40
CA GLY A 100 8.66 0.19 3.24
C GLY A 100 8.22 1.24 4.25
N HIS A 101 9.16 1.90 4.95
CA HIS A 101 8.86 2.94 5.98
C HIS A 101 9.14 4.35 5.45
N VAL A 102 8.34 5.33 5.88
CA VAL A 102 8.56 6.78 5.61
C VAL A 102 9.28 7.43 6.80
N GLY A 103 9.11 6.90 8.01
CA GLY A 103 9.93 7.24 9.19
C GLY A 103 9.21 8.10 10.22
N PHE A 104 8.05 7.70 10.71
CA PHE A 104 7.42 8.35 11.90
C PHE A 104 6.65 7.34 12.72
N ILE A 105 6.52 7.69 14.01
CA ILE A 105 5.65 7.02 15.01
C ILE A 105 4.44 7.92 15.23
N PHE A 106 3.28 7.33 15.44
CA PHE A 106 2.05 8.07 15.80
C PHE A 106 1.25 7.26 16.84
N LYS A 107 0.37 7.97 17.56
CA LYS A 107 -0.57 7.37 18.53
C LYS A 107 -1.85 8.22 18.51
N ASN A 108 -2.99 7.55 18.44
CA ASN A 108 -4.34 8.17 18.33
C ASN A 108 -4.34 9.14 17.14
N GLY A 109 -3.74 8.75 16.00
CA GLY A 109 -3.69 9.55 14.76
C GLY A 109 -2.81 10.79 14.88
N LYS A 110 -2.06 10.92 15.98
CA LYS A 110 -1.16 12.08 16.20
C LYS A 110 0.31 11.62 16.08
N ILE A 111 1.06 12.26 15.20
CA ILE A 111 2.52 12.00 14.99
C ILE A 111 3.27 12.37 16.28
N THR A 112 4.05 11.44 16.83
CA THR A 112 4.72 11.60 18.15
C THR A 112 6.24 11.65 18.01
N SER A 113 6.84 11.05 16.97
CA SER A 113 8.30 11.16 16.72
C SER A 113 8.64 10.95 15.24
N ILE A 114 9.77 11.50 14.83
CA ILE A 114 10.32 11.44 13.45
C ILE A 114 11.58 10.58 13.54
N VAL A 115 11.69 9.56 12.69
CA VAL A 115 12.87 8.66 12.67
C VAL A 115 14.01 9.38 11.94
N LYS A 116 15.19 9.34 12.55
CA LYS A 116 16.46 9.90 12.00
C LYS A 116 16.70 9.32 10.60
N ASP A 117 17.16 10.16 9.66
CA ASP A 117 17.63 9.75 8.31
C ASP A 117 16.49 9.15 7.47
N SER A 118 15.24 9.47 7.79
CA SER A 118 14.04 8.96 7.08
C SER A 118 13.55 10.03 6.09
N SER A 119 12.65 9.62 5.19
CA SER A 119 11.93 10.54 4.28
C SER A 119 11.15 11.59 5.10
N ALA A 120 10.56 11.20 6.24
CA ALA A 120 9.83 12.09 7.16
C ALA A 120 10.80 13.19 7.66
N ALA A 121 12.02 12.79 8.05
CA ALA A 121 13.09 13.72 8.50
C ALA A 121 13.48 14.67 7.37
N ARG A 122 13.77 14.15 6.17
CA ARG A 122 14.21 14.98 5.00
C ARG A 122 13.12 15.98 4.62
N ASN A 123 11.84 15.63 4.82
CA ASN A 123 10.69 16.44 4.32
C ASN A 123 10.17 17.35 5.44
N GLY A 124 10.73 17.28 6.64
CA GLY A 124 10.37 18.17 7.75
C GLY A 124 8.98 17.91 8.28
N LEU A 125 8.56 16.64 8.32
CA LEU A 125 7.31 16.24 9.00
C LEU A 125 7.41 16.64 10.48
N LEU A 126 6.32 17.10 11.09
CA LEU A 126 6.32 17.65 12.47
C LEU A 126 5.53 16.74 13.40
N THR A 127 5.90 16.68 14.69
CA THR A 127 5.12 15.99 15.75
C THR A 127 3.98 16.91 16.23
N GLU A 128 3.14 16.41 17.15
CA GLU A 128 1.94 17.13 17.67
C GLU A 128 1.10 17.60 16.50
N HIS A 129 1.04 16.80 15.44
CA HIS A 129 0.16 17.01 14.25
C HIS A 129 -0.70 15.77 14.07
N ASN A 130 -1.98 15.97 13.80
CA ASN A 130 -2.95 14.90 13.50
C ASN A 130 -2.81 14.55 12.02
N ILE A 131 -2.89 13.27 11.72
CA ILE A 131 -2.96 12.76 10.32
C ILE A 131 -4.43 12.88 9.88
N CYS A 132 -4.69 13.62 8.81
CA CYS A 132 -6.06 13.86 8.30
C CYS A 132 -6.32 12.96 7.09
N GLU A 133 -5.39 12.88 6.16
CA GLU A 133 -5.50 12.08 4.92
C GLU A 133 -4.16 11.42 4.64
N ILE A 134 -4.23 10.23 4.05
CA ILE A 134 -3.08 9.56 3.40
C ILE A 134 -3.44 9.34 1.94
N ASN A 135 -2.66 9.89 1.01
CA ASN A 135 -2.88 9.74 -0.46
C ASN A 135 -4.33 10.05 -0.78
N GLY A 136 -4.85 11.17 -0.26
CA GLY A 136 -6.21 11.65 -0.56
C GLY A 136 -7.31 10.93 0.21
N GLN A 137 -6.99 9.85 0.94
CA GLN A 137 -7.99 9.07 1.71
C GLN A 137 -8.09 9.63 3.12
N ASN A 138 -9.31 9.93 3.57
CA ASN A 138 -9.57 10.50 4.92
C ASN A 138 -9.33 9.41 5.95
N VAL A 139 -8.59 9.71 7.02
CA VAL A 139 -8.26 8.71 8.08
C VAL A 139 -8.74 9.20 9.45
N ILE A 140 -9.41 10.34 9.50
CA ILE A 140 -10.05 10.84 10.75
C ILE A 140 -11.09 9.80 11.19
N GLY A 141 -11.03 9.39 12.46
CA GLY A 141 -11.94 8.37 13.01
C GLY A 141 -11.41 6.94 12.87
N LEU A 142 -10.37 6.69 12.06
CA LEU A 142 -9.80 5.32 11.94
C LEU A 142 -8.96 5.00 13.18
N LYS A 143 -8.96 3.73 13.59
CA LYS A 143 -8.02 3.22 14.64
C LYS A 143 -6.60 3.27 14.08
N ASP A 144 -5.61 3.37 14.96
CA ASP A 144 -4.16 3.39 14.59
C ASP A 144 -3.82 2.20 13.67
N SER A 145 -4.36 1.00 13.91
CA SER A 145 -4.02 -0.20 13.12
C SER A 145 -4.52 -0.02 11.68
N GLN A 146 -5.64 0.68 11.49
CA GLN A 146 -6.23 0.93 10.15
C GLN A 146 -5.39 1.97 9.43
N ILE A 147 -4.87 2.96 10.14
CA ILE A 147 -3.94 3.97 9.55
C ILE A 147 -2.68 3.25 9.06
N ALA A 148 -2.09 2.39 9.91
CA ALA A 148 -0.94 1.53 9.54
C ALA A 148 -1.30 0.68 8.31
N ASP A 149 -2.49 0.09 8.25
CA ASP A 149 -2.93 -0.75 7.10
C ASP A 149 -2.85 0.08 5.82
N ILE A 150 -3.34 1.32 5.87
CA ILE A 150 -3.38 2.20 4.66
C ILE A 150 -1.94 2.54 4.28
N LEU A 151 -1.08 2.87 5.24
CA LEU A 151 0.34 3.21 4.96
C LEU A 151 1.03 1.97 4.38
N SER A 152 0.78 0.78 4.92
CA SER A 152 1.43 -0.48 4.49
C SER A 152 1.02 -0.85 3.06
N THR A 153 -0.19 -0.47 2.63
CA THR A 153 -0.75 -0.84 1.29
C THR A 153 -0.46 0.27 0.27
N SER A 154 0.17 1.35 0.70
CA SER A 154 0.51 2.47 -0.20
C SER A 154 1.65 2.05 -1.14
N GLY A 155 1.66 2.61 -2.36
CA GLY A 155 2.87 2.69 -3.21
C GLY A 155 4.00 3.44 -2.51
N THR A 156 5.13 3.63 -3.22
CA THR A 156 6.38 4.24 -2.69
C THR A 156 6.06 5.68 -2.24
N VAL A 157 5.28 6.43 -3.03
CA VAL A 157 4.93 7.87 -2.76
C VAL A 157 3.80 7.91 -1.74
N VAL A 158 4.04 8.52 -0.58
CA VAL A 158 3.07 8.71 0.53
C VAL A 158 2.90 10.22 0.75
N THR A 159 1.74 10.76 0.38
CA THR A 159 1.33 12.17 0.59
C THR A 159 0.42 12.19 1.82
N ILE A 160 0.82 12.88 2.88
CA ILE A 160 0.03 12.94 4.14
C ILE A 160 -0.43 14.39 4.33
N THR A 161 -1.68 14.54 4.74
CA THR A 161 -2.30 15.83 5.09
C THR A 161 -2.33 15.88 6.61
N ILE A 162 -1.76 16.91 7.20
CA ILE A 162 -1.58 17.06 8.67
C ILE A 162 -2.13 18.40 9.13
N MET A 163 -2.30 18.53 10.43
CA MET A 163 -2.82 19.72 11.11
C MET A 163 -2.30 19.70 12.53
N PRO A 164 -1.94 20.87 13.10
CA PRO A 164 -1.56 20.94 14.52
C PRO A 164 -2.69 20.33 15.36
N ALA A 165 -2.34 19.50 16.34
CA ALA A 165 -3.28 18.74 17.20
C ALA A 165 -4.10 19.71 18.08
N PHE A 166 -5.35 19.32 18.43
CA PHE A 166 -6.23 20.04 19.40
C PHE A 166 -5.68 19.85 20.82
N ASP B 4 6.63 22.75 -0.87
CA ASP B 4 7.67 22.56 -1.97
C ASP B 4 8.96 23.24 -1.52
N PRO B 5 9.95 22.49 -0.95
CA PRO B 5 11.21 23.08 -0.49
C PRO B 5 12.02 23.76 -1.60
N ARG B 6 12.84 24.74 -1.22
CA ARG B 6 13.83 25.37 -2.13
C ARG B 6 15.19 25.40 -1.42
N GLU B 7 16.27 25.39 -2.20
CA GLU B 7 17.66 25.50 -1.68
C GLU B 7 18.10 26.96 -1.80
N VAL B 8 18.73 27.48 -0.77
CA VAL B 8 19.23 28.87 -0.72
C VAL B 8 20.71 28.81 -0.34
N ILE B 9 21.51 29.72 -0.90
CA ILE B 9 22.96 29.91 -0.57
C ILE B 9 23.09 31.27 0.10
N LEU B 10 23.57 31.30 1.34
CA LEU B 10 23.87 32.57 2.06
C LEU B 10 25.39 32.73 2.09
N CYS B 11 25.84 33.96 1.85
CA CYS B 11 27.24 34.40 2.05
C CYS B 11 27.29 35.19 3.36
N LYS B 12 28.12 34.73 4.30
CA LYS B 12 28.29 35.40 5.61
C LYS B 12 28.72 36.86 5.38
N ASP B 13 28.27 37.76 6.25
CA ASP B 13 28.59 39.21 6.16
C ASP B 13 29.97 39.44 6.77
N GLN B 14 30.37 40.71 6.93
CA GLN B 14 31.70 41.13 7.44
C GLN B 14 31.98 40.50 8.82
N ASP B 15 30.95 40.28 9.63
CA ASP B 15 31.08 39.77 11.02
C ASP B 15 30.96 38.25 11.06
N GLY B 16 30.81 37.57 9.91
CA GLY B 16 30.65 36.09 9.81
C GLY B 16 29.24 35.60 10.08
N LYS B 17 28.25 36.51 10.10
CA LYS B 17 26.84 36.21 10.47
C LYS B 17 25.94 36.20 9.22
N ILE B 18 24.79 35.54 9.32
CA ILE B 18 23.80 35.49 8.20
C ILE B 18 22.57 36.32 8.56
N GLY B 19 22.38 36.71 9.84
CA GLY B 19 21.26 37.58 10.29
C GLY B 19 19.98 36.80 10.56
N LEU B 20 20.12 35.66 11.23
CA LEU B 20 19.05 34.66 11.47
C LEU B 20 19.02 34.32 12.95
N ARG B 21 17.84 34.28 13.56
CA ARG B 21 17.56 33.51 14.80
C ARG B 21 16.60 32.36 14.45
N LEU B 22 16.86 31.15 14.92
CA LEU B 22 16.10 29.91 14.68
C LEU B 22 15.43 29.48 15.98
N LYS B 23 14.31 28.74 15.86
CA LYS B 23 13.58 28.15 17.00
C LYS B 23 13.14 26.71 16.67
N SER B 24 13.38 25.78 17.59
CA SER B 24 12.89 24.38 17.53
C SER B 24 11.40 24.33 17.90
N ILE B 25 10.54 23.88 16.99
CA ILE B 25 9.10 23.64 17.26
C ILE B 25 8.69 22.30 16.63
N ASP B 26 8.00 21.42 17.38
CA ASP B 26 7.41 20.17 16.86
C ASP B 26 8.45 19.37 16.06
N ASN B 27 9.67 19.30 16.60
CA ASN B 27 10.82 18.54 16.05
C ASN B 27 11.21 19.09 14.67
N GLY B 28 10.86 20.34 14.38
CA GLY B 28 11.36 21.08 13.21
C GLY B 28 12.17 22.28 13.66
N ILE B 29 12.72 23.02 12.69
CA ILE B 29 13.50 24.27 12.93
C ILE B 29 12.85 25.35 12.08
N PHE B 30 12.50 26.46 12.72
CA PHE B 30 11.84 27.61 12.05
C PHE B 30 12.62 28.90 12.29
N VAL B 31 12.52 29.80 11.31
CA VAL B 31 13.07 31.18 11.34
C VAL B 31 12.23 32.01 12.31
N GLN B 32 12.83 32.43 13.42
CA GLN B 32 12.20 33.31 14.45
C GLN B 32 12.48 34.78 14.15
N LEU B 33 13.61 35.11 13.53
CA LEU B 33 14.03 36.53 13.25
C LEU B 33 14.92 36.56 12.00
N VAL B 34 14.64 37.50 11.09
CA VAL B 34 15.52 37.84 9.94
C VAL B 34 15.95 39.31 10.06
N GLN B 35 17.24 39.57 10.21
CA GLN B 35 17.77 40.96 10.41
C GLN B 35 17.66 41.69 9.07
N ALA B 36 17.18 42.92 9.11
CA ALA B 36 17.05 43.79 7.92
C ALA B 36 18.40 43.86 7.22
N ASN B 37 18.38 43.70 5.89
CA ASN B 37 19.53 43.91 4.96
C ASN B 37 20.65 42.89 5.23
N SER B 38 20.33 41.76 5.87
CA SER B 38 21.25 40.65 6.18
C SER B 38 21.36 39.71 4.98
N PRO B 39 22.38 38.83 4.91
CA PRO B 39 22.41 37.77 3.90
C PRO B 39 21.12 36.94 3.86
N ALA B 40 20.57 36.60 5.04
CA ALA B 40 19.26 35.91 5.20
C ALA B 40 18.18 36.72 4.48
N SER B 41 18.08 38.02 4.76
CA SER B 41 17.07 38.91 4.15
C SER B 41 17.19 38.89 2.63
N LEU B 42 18.41 38.89 2.11
CA LEU B 42 18.68 39.10 0.66
C LEU B 42 18.35 37.84 -0.14
N VAL B 43 18.31 36.65 0.48
CA VAL B 43 17.90 35.39 -0.21
C VAL B 43 16.42 35.08 0.05
N GLY B 44 15.66 36.00 0.65
CA GLY B 44 14.18 35.91 0.75
C GLY B 44 13.69 35.21 2.01
N LEU B 45 14.55 34.94 3.00
CA LEU B 45 14.13 34.26 4.25
C LEU B 45 13.16 35.16 5.02
N ARG B 46 12.15 34.56 5.65
CA ARG B 46 11.10 35.29 6.39
C ARG B 46 10.78 34.55 7.69
N PHE B 47 10.35 35.31 8.71
CA PHE B 47 9.69 34.76 9.92
C PHE B 47 8.78 33.59 9.52
N GLY B 48 8.96 32.42 10.13
CA GLY B 48 8.04 31.27 9.96
C GLY B 48 8.53 30.29 8.91
N ASP B 49 9.53 30.64 8.10
CA ASP B 49 10.17 29.67 7.17
C ASP B 49 10.65 28.46 7.98
N GLN B 50 10.49 27.28 7.42
CA GLN B 50 10.96 26.02 8.03
C GLN B 50 12.30 25.65 7.38
N VAL B 51 13.29 25.35 8.21
CA VAL B 51 14.63 24.90 7.77
C VAL B 51 14.68 23.36 7.81
N LEU B 52 14.73 22.71 6.65
CA LEU B 52 14.75 21.23 6.51
C LEU B 52 16.19 20.72 6.65
N GLN B 53 17.14 21.39 5.98
CA GLN B 53 18.57 21.01 5.95
C GLN B 53 19.44 22.26 6.12
N ILE B 54 20.53 22.13 6.86
CA ILE B 54 21.67 23.09 6.86
C ILE B 54 22.90 22.34 6.35
N ASN B 55 23.51 22.81 5.26
CA ASN B 55 24.67 22.19 4.58
C ASN B 55 24.41 20.69 4.38
N GLY B 56 23.20 20.34 3.93
CA GLY B 56 22.81 18.98 3.52
C GLY B 56 22.51 18.05 4.68
N GLU B 57 22.56 18.53 5.94
CA GLU B 57 22.20 17.74 7.14
C GLU B 57 20.76 18.12 7.56
N ASN B 58 19.95 17.11 7.85
CA ASN B 58 18.56 17.23 8.34
C ASN B 58 18.56 17.96 9.68
N CYS B 59 17.66 18.93 9.83
CA CYS B 59 17.47 19.70 11.09
C CYS B 59 16.52 18.98 12.05
N ALA B 60 15.84 17.92 11.58
CA ALA B 60 14.78 17.22 12.34
C ALA B 60 15.31 16.89 13.75
N GLY B 61 14.59 17.30 14.79
CA GLY B 61 14.92 16.96 16.19
C GLY B 61 16.06 17.81 16.77
N TRP B 62 16.63 18.76 16.01
CA TRP B 62 17.69 19.67 16.54
C TRP B 62 17.07 20.66 17.53
N SER B 63 17.76 20.91 18.64
CA SER B 63 17.48 22.07 19.53
C SER B 63 17.81 23.36 18.76
N SER B 64 17.21 24.50 19.14
CA SER B 64 17.59 25.86 18.68
C SER B 64 19.11 26.04 18.84
N ASP B 65 19.68 25.66 19.99
CA ASP B 65 21.14 25.78 20.29
C ASP B 65 21.95 25.02 19.23
N LYS B 66 21.57 23.79 18.93
CA LYS B 66 22.30 22.94 17.94
C LYS B 66 22.29 23.64 16.57
N ALA B 67 21.14 24.09 16.11
CA ALA B 67 21.01 24.78 14.81
C ALA B 67 21.97 25.97 14.79
N HIS B 68 21.98 26.77 15.87
CA HIS B 68 22.84 27.98 16.01
C HIS B 68 24.32 27.58 16.08
N LYS B 69 24.67 26.53 16.82
CA LYS B 69 26.06 26.01 16.90
C LYS B 69 26.50 25.60 15.50
N VAL B 70 25.67 24.86 14.77
CA VAL B 70 26.03 24.34 13.41
C VAL B 70 26.31 25.53 12.49
N LEU B 71 25.49 26.57 12.55
CA LEU B 71 25.66 27.79 11.71
C LEU B 71 26.97 28.49 12.09
N LYS B 72 27.24 28.63 13.39
CA LYS B 72 28.41 29.37 13.94
C LYS B 72 29.70 28.62 13.56
N GLN B 73 29.69 27.29 13.59
CA GLN B 73 30.89 26.45 13.32
C GLN B 73 31.10 26.25 11.82
N ALA B 74 30.10 26.52 10.97
CA ALA B 74 30.16 26.31 9.51
C ALA B 74 31.44 26.96 8.96
N PHE B 75 32.39 26.17 8.46
CA PHE B 75 33.62 26.68 7.78
C PHE B 75 33.20 27.37 6.48
N GLY B 76 33.75 28.55 6.20
CA GLY B 76 33.74 29.15 4.84
C GLY B 76 32.74 30.28 4.68
N GLU B 77 32.70 30.86 3.48
CA GLU B 77 31.88 32.06 3.14
C GLU B 77 30.42 31.65 2.93
N LYS B 78 30.19 30.38 2.59
CA LYS B 78 28.95 29.85 1.96
C LYS B 78 28.22 28.90 2.91
N ILE B 79 26.95 29.19 3.20
CA ILE B 79 26.02 28.27 3.94
C ILE B 79 24.85 27.94 3.01
N THR B 80 24.58 26.64 2.80
CA THR B 80 23.39 26.14 2.08
C THR B 80 22.30 25.76 3.10
N MET B 81 21.05 26.11 2.78
CA MET B 81 19.88 25.69 3.58
C MET B 81 18.81 25.17 2.61
N THR B 82 18.08 24.12 3.02
CA THR B 82 16.79 23.74 2.38
C THR B 82 15.67 24.35 3.21
N ILE B 83 14.80 25.09 2.54
CA ILE B 83 13.76 25.97 3.15
C ILE B 83 12.39 25.56 2.63
N ARG B 84 11.43 25.43 3.53
CA ARG B 84 10.00 25.44 3.18
C ARG B 84 9.45 26.82 3.53
N ASP B 85 8.85 27.50 2.55
CA ASP B 85 8.24 28.86 2.70
C ASP B 85 7.11 28.81 3.72
N ARG B 86 7.23 29.61 4.78
CA ARG B 86 6.17 29.90 5.79
C ARG B 86 5.03 28.91 5.67
N PRO B 87 5.21 27.63 6.10
CA PRO B 87 4.13 26.64 6.01
C PRO B 87 2.92 26.89 6.94
N PHE B 88 3.09 27.64 8.03
CA PHE B 88 1.98 27.98 8.97
C PHE B 88 1.26 29.28 8.60
N GLU B 89 1.67 29.94 7.50
CA GLU B 89 1.20 31.31 7.12
C GLU B 89 -0.31 31.29 6.81
N ARG B 90 -1.08 32.17 7.43
CA ARG B 90 -2.49 32.42 7.04
C ARG B 90 -2.72 33.92 6.90
N THR B 91 -3.43 34.31 5.83
CA THR B 91 -3.80 35.72 5.56
C THR B 91 -5.30 35.89 5.84
N ILE B 92 -5.66 36.96 6.55
CA ILE B 92 -7.07 37.35 6.83
C ILE B 92 -7.24 38.81 6.44
N THR B 93 -8.31 39.10 5.70
CA THR B 93 -8.68 40.46 5.26
C THR B 93 -9.82 40.97 6.12
N MET B 94 -9.64 42.15 6.68
CA MET B 94 -10.64 42.83 7.52
C MET B 94 -10.88 44.25 6.96
N HIS B 95 -11.98 44.85 7.38
CA HIS B 95 -12.38 46.23 6.99
C HIS B 95 -12.53 47.05 8.26
N LYS B 96 -11.92 48.22 8.31
CA LYS B 96 -12.04 49.17 9.44
C LYS B 96 -13.51 49.60 9.55
N ASP B 97 -14.00 49.70 10.78
CA ASP B 97 -15.36 50.23 11.09
C ASP B 97 -15.29 51.76 11.05
N SER B 98 -16.40 52.43 11.38
CA SER B 98 -16.54 53.91 11.35
C SER B 98 -15.53 54.58 12.30
N THR B 99 -15.07 53.88 13.33
CA THR B 99 -14.05 54.40 14.31
C THR B 99 -12.61 54.07 13.87
N GLY B 100 -12.40 53.44 12.71
CA GLY B 100 -11.07 53.07 12.20
C GLY B 100 -10.49 51.81 12.81
N HIS B 101 -11.32 50.97 13.48
CA HIS B 101 -10.89 49.72 14.15
C HIS B 101 -11.31 48.48 13.34
N VAL B 102 -10.49 47.43 13.35
CA VAL B 102 -10.82 46.09 12.78
C VAL B 102 -11.32 45.15 13.89
N GLY B 103 -10.91 45.38 15.14
CA GLY B 103 -11.47 44.70 16.32
C GLY B 103 -10.58 43.61 16.94
N PHE B 104 -9.31 43.89 17.23
CA PHE B 104 -8.47 42.98 18.06
C PHE B 104 -7.49 43.75 18.94
N ILE B 105 -7.14 43.11 20.04
CA ILE B 105 -6.09 43.51 21.00
C ILE B 105 -4.89 42.58 20.76
N PHE B 106 -3.67 43.11 20.92
CA PHE B 106 -2.43 42.30 20.84
C PHE B 106 -1.43 42.80 21.89
N LYS B 107 -0.46 41.94 22.20
CA LYS B 107 0.65 42.22 23.14
C LYS B 107 1.86 41.42 22.67
N ASN B 108 3.01 42.07 22.59
CA ASN B 108 4.28 41.50 22.08
C ASN B 108 4.05 40.89 20.69
N GLY B 109 3.34 41.59 19.81
CA GLY B 109 3.11 41.16 18.41
C GLY B 109 2.12 39.99 18.33
N LYS B 110 1.53 39.58 19.45
CA LYS B 110 0.66 38.38 19.51
C LYS B 110 -0.76 38.84 19.80
N ILE B 111 -1.71 38.43 18.94
CA ILE B 111 -3.17 38.72 19.12
C ILE B 111 -3.66 38.04 20.40
N THR B 112 -4.30 38.78 21.30
CA THR B 112 -4.71 38.29 22.65
C THR B 112 -6.23 38.28 22.81
N SER B 113 -7.00 39.11 22.12
CA SER B 113 -8.49 39.04 22.14
C SER B 113 -9.11 39.62 20.87
N ILE B 114 -10.33 39.17 20.59
CA ILE B 114 -11.14 39.55 19.40
C ILE B 114 -12.33 40.35 19.95
N VAL B 115 -12.56 41.54 19.42
CA VAL B 115 -13.68 42.40 19.86
C VAL B 115 -14.98 41.86 19.22
N LYS B 116 -16.02 41.72 20.05
CA LYS B 116 -17.37 41.28 19.62
C LYS B 116 -17.89 42.17 18.48
N ASP B 117 -18.50 41.55 17.47
CA ASP B 117 -19.19 42.13 16.28
C ASP B 117 -18.29 43.09 15.51
N SER B 118 -17.00 42.77 15.48
CA SER B 118 -15.96 43.48 14.70
C SER B 118 -15.70 42.73 13.40
N SER B 119 -14.99 43.37 12.48
CA SER B 119 -14.49 42.74 11.24
C SER B 119 -13.61 41.53 11.59
N ALA B 120 -12.80 41.62 12.66
CA ALA B 120 -11.93 40.53 13.16
C ALA B 120 -12.81 39.33 13.55
N ALA B 121 -13.93 39.58 14.25
CA ALA B 121 -14.91 38.55 14.65
C ALA B 121 -15.54 37.91 13.42
N ARG B 122 -16.02 38.71 12.46
CA ARG B 122 -16.69 38.20 11.23
C ARG B 122 -15.74 37.35 10.40
N ASN B 123 -14.44 37.67 10.43
CA ASN B 123 -13.43 37.03 9.54
C ASN B 123 -12.72 35.89 10.28
N GLY B 124 -13.06 35.64 11.54
CA GLY B 124 -12.54 34.50 12.31
C GLY B 124 -11.08 34.63 12.64
N LEU B 125 -10.63 35.84 12.93
CA LEU B 125 -9.25 36.09 13.41
C LEU B 125 -9.05 35.35 14.74
N LEU B 126 -7.87 34.77 14.95
CA LEU B 126 -7.60 33.87 16.11
C LEU B 126 -6.58 34.51 17.06
N THR B 127 -6.70 34.25 18.35
CA THR B 127 -5.69 34.64 19.37
C THR B 127 -4.51 33.65 19.37
N GLU B 128 -3.48 33.94 20.18
CA GLU B 128 -2.25 33.11 20.28
C GLU B 128 -1.68 32.93 18.87
N HIS B 129 -1.80 33.96 18.04
CA HIS B 129 -1.19 34.05 16.69
C HIS B 129 -0.33 35.31 16.66
N ASN B 130 0.86 35.21 16.09
CA ASN B 130 1.80 36.33 15.91
C ASN B 130 1.39 37.06 14.65
N ILE B 131 1.45 38.39 14.68
CA ILE B 131 1.24 39.23 13.48
C ILE B 131 2.57 39.25 12.72
N CYS B 132 2.58 38.82 11.47
CA CYS B 132 3.82 38.72 10.66
C CYS B 132 3.89 39.91 9.70
N GLU B 133 2.79 40.18 9.00
CA GLU B 133 2.70 41.28 8.01
C GLU B 133 1.35 41.96 8.16
N ILE B 134 1.32 43.27 7.89
CA ILE B 134 0.09 44.07 7.71
C ILE B 134 0.19 44.71 6.33
N ASN B 135 -0.77 44.40 5.45
CA ASN B 135 -0.80 44.90 4.06
C ASN B 135 0.56 44.67 3.41
N GLY B 136 1.12 43.46 3.57
CA GLY B 136 2.39 43.05 2.93
C GLY B 136 3.63 43.59 3.62
N GLN B 137 3.49 44.45 4.63
CA GLN B 137 4.63 45.05 5.35
C GLN B 137 4.98 44.17 6.56
N ASN B 138 6.26 43.81 6.68
CA ASN B 138 6.78 42.95 7.77
C ASN B 138 6.73 43.74 9.09
N VAL B 139 6.19 43.14 10.15
CA VAL B 139 6.08 43.82 11.48
C VAL B 139 6.77 42.99 12.56
N ILE B 140 7.38 41.86 12.20
CA ILE B 140 8.20 41.06 13.14
C ILE B 140 9.32 41.96 13.66
N GLY B 141 9.51 42.00 14.98
CA GLY B 141 10.55 42.80 15.63
C GLY B 141 10.12 44.22 15.95
N LEU B 142 8.98 44.70 15.44
CA LEU B 142 8.48 46.05 15.80
C LEU B 142 7.91 46.04 17.23
N LYS B 143 8.02 47.16 17.93
CA LYS B 143 7.34 47.39 19.23
C LYS B 143 5.83 47.45 18.96
N ASP B 144 5.01 47.12 19.96
CA ASP B 144 3.53 47.14 19.86
C ASP B 144 3.05 48.51 19.37
N SER B 145 3.64 49.62 19.82
CA SER B 145 3.18 50.99 19.45
C SER B 145 3.42 51.22 17.95
N GLN B 146 4.48 50.64 17.39
CA GLN B 146 4.81 50.75 15.95
C GLN B 146 3.82 49.91 15.12
N ILE B 147 3.41 48.76 15.63
CA ILE B 147 2.38 47.92 14.96
C ILE B 147 1.06 48.70 14.93
N ALA B 148 0.66 49.30 16.06
CA ALA B 148 -0.53 50.18 16.17
C ALA B 148 -0.41 51.34 15.17
N ASP B 149 0.77 51.96 15.05
CA ASP B 149 1.01 53.07 14.09
C ASP B 149 0.69 52.59 12.67
N ILE B 150 1.15 51.41 12.30
CA ILE B 150 0.93 50.85 10.92
C ILE B 150 -0.56 50.58 10.71
N LEU B 151 -1.24 50.04 11.71
CA LEU B 151 -2.69 49.76 11.60
C LEU B 151 -3.45 51.08 11.48
N SER B 152 -3.07 52.09 12.26
CA SER B 152 -3.74 53.41 12.27
C SER B 152 -3.56 54.13 10.93
N THR B 153 -2.47 53.88 10.21
CA THR B 153 -2.14 54.57 8.93
C THR B 153 -2.62 53.75 7.74
N SER B 154 -3.19 52.59 7.97
CA SER B 154 -3.76 51.74 6.89
C SER B 154 -5.02 52.40 6.30
N GLY B 155 -5.28 52.17 5.01
CA GLY B 155 -6.62 52.34 4.41
C GLY B 155 -7.66 51.45 5.08
N THR B 156 -8.89 51.45 4.58
CA THR B 156 -10.06 50.72 5.15
C THR B 156 -9.76 49.22 5.13
N VAL B 157 -9.18 48.70 4.05
CA VAL B 157 -8.84 47.26 3.85
C VAL B 157 -7.55 46.94 4.61
N VAL B 158 -7.61 46.05 5.59
CA VAL B 158 -6.44 45.59 6.40
C VAL B 158 -6.29 44.09 6.19
N THR B 159 -5.25 43.67 5.46
CA THR B 159 -4.88 42.24 5.25
C THR B 159 -3.75 41.92 6.23
N ILE B 160 -3.96 40.99 7.16
CA ILE B 160 -2.87 40.60 8.10
C ILE B 160 -2.48 39.15 7.83
N THR B 161 -1.17 38.89 7.90
CA THR B 161 -0.59 37.54 7.83
C THR B 161 -0.28 37.15 9.27
N ILE B 162 -0.79 36.00 9.70
CA ILE B 162 -0.64 35.47 11.08
C ILE B 162 -0.07 34.05 11.02
N MET B 163 0.39 33.59 12.18
CA MET B 163 0.96 32.25 12.40
C MET B 163 0.75 31.91 13.86
N PRO B 164 0.47 30.62 14.19
CA PRO B 164 0.35 30.21 15.58
C PRO B 164 1.64 30.58 16.31
N ALA B 165 1.51 31.09 17.53
CA ALA B 165 2.63 31.31 18.47
C ALA B 165 3.01 29.96 19.07
N ASP C 4 -11.40 -19.11 -21.53
CA ASP C 4 -10.68 -20.08 -20.67
C ASP C 4 -11.77 -20.76 -19.85
N PRO C 5 -12.57 -20.04 -19.02
CA PRO C 5 -13.68 -20.66 -18.30
C PRO C 5 -14.78 -21.23 -19.22
N ARG C 6 -15.47 -22.26 -18.76
CA ARG C 6 -16.64 -22.86 -19.46
C ARG C 6 -17.75 -23.05 -18.43
N GLU C 7 -19.00 -23.01 -18.89
CA GLU C 7 -20.20 -23.14 -18.05
C GLU C 7 -20.72 -24.56 -18.18
N VAL C 8 -21.14 -25.16 -17.08
CA VAL C 8 -21.69 -26.54 -17.03
C VAL C 8 -23.03 -26.47 -16.28
N ILE C 9 -24.02 -27.27 -16.69
CA ILE C 9 -25.36 -27.37 -16.03
C ILE C 9 -25.53 -28.80 -15.48
N LEU C 10 -25.67 -28.95 -14.17
CA LEU C 10 -25.90 -30.26 -13.50
C LEU C 10 -27.34 -30.33 -13.00
N CYS C 11 -27.94 -31.51 -13.10
N CYS C 11 -27.94 -31.53 -13.08
CA CYS C 11 -29.21 -31.93 -12.43
CA CYS C 11 -29.21 -31.92 -12.42
C CYS C 11 -28.86 -33.03 -11.42
C CYS C 11 -28.88 -33.04 -11.42
N LYS C 12 -29.36 -33.00 -10.18
CA LYS C 12 -29.27 -34.19 -9.26
C LYS C 12 -29.93 -35.41 -9.92
N ASP C 13 -29.36 -36.60 -9.76
CA ASP C 13 -29.76 -37.81 -10.52
C ASP C 13 -30.85 -38.52 -9.72
N GLN C 14 -31.24 -39.71 -10.20
CA GLN C 14 -32.32 -40.57 -9.64
C GLN C 14 -32.05 -40.85 -8.16
N ASP C 15 -30.78 -40.95 -7.77
CA ASP C 15 -30.37 -41.36 -6.39
C ASP C 15 -30.15 -40.12 -5.52
N GLY C 16 -30.44 -38.92 -6.01
CA GLY C 16 -30.35 -37.65 -5.26
C GLY C 16 -28.97 -37.01 -5.35
N LYS C 17 -28.02 -37.57 -6.10
CA LYS C 17 -26.59 -37.16 -6.07
C LYS C 17 -26.20 -36.32 -7.30
N ILE C 18 -25.27 -35.38 -7.11
CA ILE C 18 -24.57 -34.70 -8.22
C ILE C 18 -23.15 -35.29 -8.41
N GLY C 19 -22.58 -35.86 -7.33
CA GLY C 19 -21.39 -36.72 -7.37
C GLY C 19 -20.10 -35.94 -7.31
N LEU C 20 -20.04 -34.90 -6.49
CA LEU C 20 -18.94 -33.92 -6.43
C LEU C 20 -18.51 -33.78 -4.96
N ARG C 21 -17.21 -33.85 -4.70
CA ARG C 21 -16.60 -33.24 -3.47
C ARG C 21 -15.70 -32.10 -3.94
N LEU C 22 -15.82 -30.95 -3.28
CA LEU C 22 -15.04 -29.70 -3.54
C LEU C 22 -14.07 -29.48 -2.38
N LYS C 23 -12.97 -28.77 -2.65
CA LYS C 23 -11.94 -28.43 -1.65
C LYS C 23 -11.51 -26.97 -1.85
N SER C 24 -11.45 -26.21 -0.76
CA SER C 24 -10.85 -24.85 -0.73
C SER C 24 -9.34 -24.95 -0.72
N ILE C 25 -8.68 -24.40 -1.73
CA ILE C 25 -7.19 -24.29 -1.80
C ILE C 25 -6.84 -22.90 -2.30
N ASP C 26 -5.95 -22.23 -1.57
CA ASP C 26 -5.41 -20.89 -1.94
C ASP C 26 -6.57 -19.94 -2.26
N ASN C 27 -7.67 -20.01 -1.50
CA ASN C 27 -8.87 -19.15 -1.61
C ASN C 27 -9.53 -19.31 -3.00
N GLY C 28 -9.30 -20.47 -3.63
CA GLY C 28 -10.12 -20.96 -4.75
C GLY C 28 -10.88 -22.20 -4.33
N ILE C 29 -11.69 -22.73 -5.23
CA ILE C 29 -12.47 -23.99 -5.02
C ILE C 29 -12.10 -24.94 -6.15
N PHE C 30 -11.68 -26.14 -5.79
CA PHE C 30 -11.27 -27.20 -6.76
C PHE C 30 -12.09 -28.46 -6.54
N VAL C 31 -12.32 -29.17 -7.64
CA VAL C 31 -12.96 -30.52 -7.67
C VAL C 31 -11.95 -31.52 -7.09
N GLN C 32 -12.27 -32.10 -5.93
CA GLN C 32 -11.42 -33.12 -5.26
C GLN C 32 -11.86 -34.53 -5.69
N LEU C 33 -13.16 -34.73 -5.95
CA LEU C 33 -13.74 -36.06 -6.26
C LEU C 33 -14.92 -35.90 -7.23
N VAL C 34 -14.92 -36.71 -8.30
CA VAL C 34 -16.06 -36.88 -9.24
C VAL C 34 -16.50 -38.34 -9.22
N GLN C 35 -17.73 -38.63 -8.79
CA GLN C 35 -18.23 -40.03 -8.69
C GLN C 35 -18.51 -40.53 -10.10
N ALA C 36 -18.08 -41.76 -10.40
CA ALA C 36 -18.39 -42.48 -11.64
C ALA C 36 -19.89 -42.38 -11.95
N ASN C 37 -20.22 -42.03 -13.19
CA ASN C 37 -21.58 -42.10 -13.77
C ASN C 37 -22.51 -41.06 -13.12
N SER C 38 -21.94 -40.05 -12.46
CA SER C 38 -22.68 -38.98 -11.75
C SER C 38 -23.03 -37.88 -12.74
N PRO C 39 -23.99 -37.00 -12.42
CA PRO C 39 -24.21 -35.77 -13.17
C PRO C 39 -22.92 -34.96 -13.40
N ALA C 40 -22.09 -34.85 -12.36
CA ALA C 40 -20.75 -34.21 -12.45
C ALA C 40 -19.92 -34.87 -13.55
N SER C 41 -19.83 -36.21 -13.53
CA SER C 41 -19.06 -37.00 -14.51
C SER C 41 -19.58 -36.70 -15.93
N LEU C 42 -20.89 -36.61 -16.10
CA LEU C 42 -21.54 -36.56 -17.44
C LEU C 42 -21.36 -35.18 -18.09
N VAL C 43 -21.11 -34.12 -17.31
CA VAL C 43 -20.83 -32.77 -17.89
C VAL C 43 -19.32 -32.51 -17.99
N GLY C 44 -18.48 -33.52 -17.73
CA GLY C 44 -17.03 -33.48 -18.00
C GLY C 44 -16.19 -32.95 -16.85
N LEU C 45 -16.75 -32.76 -15.65
CA LEU C 45 -15.97 -32.32 -14.47
C LEU C 45 -14.94 -33.39 -14.13
N ARG C 46 -13.75 -32.96 -13.71
CA ARG C 46 -12.59 -33.85 -13.42
C ARG C 46 -11.86 -33.35 -12.18
N PHE C 47 -11.26 -34.26 -11.43
CA PHE C 47 -10.24 -33.99 -10.39
C PHE C 47 -9.36 -32.83 -10.86
N GLY C 48 -9.26 -31.76 -10.05
CA GLY C 48 -8.33 -30.64 -10.29
C GLY C 48 -8.98 -29.48 -11.03
N ASP C 49 -10.18 -29.64 -11.59
CA ASP C 49 -10.96 -28.51 -12.16
C ASP C 49 -11.12 -27.44 -11.09
N GLN C 50 -11.03 -26.19 -11.50
CA GLN C 50 -11.26 -25.02 -10.62
C GLN C 50 -12.68 -24.52 -10.83
N VAL C 51 -13.42 -24.33 -9.75
CA VAL C 51 -14.79 -23.76 -9.77
C VAL C 51 -14.70 -22.24 -9.50
N LEU C 52 -14.99 -21.41 -10.51
CA LEU C 52 -14.91 -19.94 -10.40
C LEU C 52 -16.25 -19.40 -9.84
N GLN C 53 -17.38 -19.94 -10.33
CA GLN C 53 -18.74 -19.49 -9.95
C GLN C 53 -19.64 -20.70 -9.74
N ILE C 54 -20.51 -20.63 -8.74
CA ILE C 54 -21.69 -21.55 -8.59
C ILE C 54 -22.95 -20.69 -8.67
N ASN C 55 -23.84 -21.00 -9.62
CA ASN C 55 -25.11 -20.25 -9.88
C ASN C 55 -24.79 -18.75 -10.00
N GLY C 56 -23.73 -18.42 -10.73
CA GLY C 56 -23.34 -17.05 -11.09
C GLY C 56 -22.63 -16.28 -9.99
N GLU C 57 -22.42 -16.88 -8.82
CA GLU C 57 -21.72 -16.23 -7.68
C GLU C 57 -20.28 -16.74 -7.57
N ASN C 58 -19.32 -15.83 -7.35
CA ASN C 58 -17.89 -16.12 -7.16
C ASN C 58 -17.67 -17.06 -5.96
N CYS C 59 -16.84 -18.07 -6.17
CA CYS C 59 -16.40 -19.03 -5.12
C CYS C 59 -15.22 -18.49 -4.32
N ALA C 60 -14.61 -17.38 -4.75
CA ALA C 60 -13.36 -16.85 -4.16
C ALA C 60 -13.53 -16.73 -2.65
N GLY C 61 -12.61 -17.33 -1.89
CA GLY C 61 -12.57 -17.23 -0.42
C GLY C 61 -13.58 -18.12 0.28
N TRP C 62 -14.41 -18.88 -0.44
CA TRP C 62 -15.35 -19.85 0.19
C TRP C 62 -14.59 -21.01 0.84
N SER C 63 -14.99 -21.41 2.03
CA SER C 63 -14.59 -22.70 2.66
C SER C 63 -15.19 -23.85 1.83
N SER C 64 -14.59 -25.05 1.89
CA SER C 64 -15.18 -26.31 1.37
C SER C 64 -16.64 -26.45 1.88
N ASP C 65 -16.87 -26.23 3.18
CA ASP C 65 -18.21 -26.34 3.82
C ASP C 65 -19.20 -25.40 3.14
N LYS C 66 -18.81 -24.16 2.91
CA LYS C 66 -19.69 -23.15 2.27
C LYS C 66 -20.06 -23.62 0.86
N ALA C 67 -19.10 -24.05 0.06
CA ALA C 67 -19.34 -24.54 -1.31
C ALA C 67 -20.36 -25.68 -1.25
N HIS C 68 -20.18 -26.61 -0.31
CA HIS C 68 -21.06 -27.79 -0.12
C HIS C 68 -22.44 -27.37 0.36
N LYS C 69 -22.52 -26.42 1.31
CA LYS C 69 -23.81 -25.85 1.77
C LYS C 69 -24.54 -25.24 0.57
N VAL C 70 -23.85 -24.43 -0.24
CA VAL C 70 -24.47 -23.72 -1.39
C VAL C 70 -25.06 -24.75 -2.35
N LEU C 71 -24.31 -25.83 -2.64
CA LEU C 71 -24.76 -26.91 -3.56
C LEU C 71 -26.00 -27.59 -2.97
N LYS C 72 -25.96 -27.91 -1.67
CA LYS C 72 -27.02 -28.68 -0.95
C LYS C 72 -28.31 -27.85 -0.90
N GLN C 73 -28.20 -26.53 -0.69
CA GLN C 73 -29.36 -25.61 -0.51
C GLN C 73 -29.89 -25.16 -1.87
N ALA C 74 -29.16 -25.36 -2.97
CA ALA C 74 -29.54 -24.86 -4.32
C ALA C 74 -31.00 -25.21 -4.62
N PHE C 75 -31.88 -24.21 -4.67
CA PHE C 75 -33.33 -24.37 -4.98
C PHE C 75 -33.43 -24.78 -6.46
N GLY C 76 -34.24 -25.81 -6.74
CA GLY C 76 -34.45 -26.34 -8.10
C GLY C 76 -33.61 -27.58 -8.41
N GLU C 77 -33.84 -28.19 -9.56
CA GLU C 77 -33.11 -29.40 -10.05
C GLU C 77 -31.74 -29.00 -10.57
N LYS C 78 -31.56 -27.72 -10.97
CA LYS C 78 -30.53 -27.27 -11.94
C LYS C 78 -29.49 -26.36 -11.27
N ILE C 79 -28.22 -26.76 -11.39
CA ILE C 79 -27.05 -26.02 -10.83
C ILE C 79 -26.12 -25.67 -11.99
N THR C 80 -25.78 -24.38 -12.14
CA THR C 80 -24.77 -23.89 -13.09
C THR C 80 -23.45 -23.69 -12.34
N MET C 81 -22.34 -24.05 -12.98
CA MET C 81 -20.98 -23.80 -12.45
C MET C 81 -20.13 -23.25 -13.59
N THR C 82 -19.30 -22.26 -13.29
CA THR C 82 -18.24 -21.77 -14.20
C THR C 82 -16.93 -22.43 -13.78
N ILE C 83 -16.27 -23.07 -14.75
CA ILE C 83 -15.18 -24.07 -14.54
C ILE C 83 -13.97 -23.63 -15.33
N ARG C 84 -12.80 -23.73 -14.71
CA ARG C 84 -11.51 -23.70 -15.41
C ARG C 84 -11.02 -25.15 -15.43
N ASP C 85 -10.78 -25.68 -16.63
CA ASP C 85 -10.29 -27.07 -16.86
C ASP C 85 -8.90 -27.24 -16.23
N ARG C 86 -8.77 -28.19 -15.30
CA ARG C 86 -7.49 -28.65 -14.70
C ARG C 86 -6.36 -27.65 -14.98
N PRO C 87 -6.36 -26.46 -14.31
CA PRO C 87 -5.32 -25.46 -14.55
C PRO C 87 -3.90 -25.82 -14.11
N PHE C 88 -3.75 -26.72 -13.14
CA PHE C 88 -2.44 -27.17 -12.58
C PHE C 88 -1.94 -28.43 -13.30
N GLU C 89 -2.63 -28.87 -14.35
CA GLU C 89 -2.30 -30.08 -15.15
C GLU C 89 -0.95 -29.90 -15.85
N ARG C 90 -0.03 -30.86 -15.69
CA ARG C 90 1.26 -30.92 -16.41
C ARG C 90 1.48 -32.33 -16.98
N THR C 91 2.02 -32.39 -18.19
CA THR C 91 2.35 -33.64 -18.92
C THR C 91 3.86 -33.84 -18.92
N ILE C 92 4.32 -35.06 -18.62
CA ILE C 92 5.75 -35.47 -18.71
C ILE C 92 5.83 -36.77 -19.53
N THR C 93 6.75 -36.83 -20.48
CA THR C 93 7.01 -38.02 -21.32
C THR C 93 8.28 -38.71 -20.81
N MET C 94 8.16 -40.02 -20.58
CA MET C 94 9.30 -40.87 -20.16
C MET C 94 9.41 -42.05 -21.13
N HIS C 95 10.55 -42.73 -21.09
CA HIS C 95 10.82 -43.94 -21.90
C HIS C 95 11.17 -45.08 -20.96
N LYS C 96 10.55 -46.24 -21.16
CA LYS C 96 10.85 -47.46 -20.38
C LYS C 96 12.31 -47.86 -20.64
N ASP C 97 13.00 -48.29 -19.59
CA ASP C 97 14.40 -48.82 -19.67
C ASP C 97 14.32 -50.28 -20.09
N SER C 98 15.47 -50.97 -20.12
CA SER C 98 15.60 -52.38 -20.55
C SER C 98 14.75 -53.31 -19.68
N THR C 99 14.45 -52.93 -18.43
CA THR C 99 13.61 -53.73 -17.48
C THR C 99 12.12 -53.34 -17.59
N GLY C 100 11.73 -52.43 -18.50
CA GLY C 100 10.32 -51.98 -18.68
C GLY C 100 9.87 -50.94 -17.64
N HIS C 101 10.81 -50.31 -16.90
CA HIS C 101 10.51 -49.29 -15.85
C HIS C 101 10.82 -47.87 -16.35
N VAL C 102 10.00 -46.90 -15.94
CA VAL C 102 10.24 -45.44 -16.15
C VAL C 102 10.91 -44.84 -14.90
N GLY C 103 10.69 -45.40 -13.71
CA GLY C 103 11.47 -45.10 -12.49
C GLY C 103 10.72 -44.25 -11.47
N PHE C 104 9.52 -44.63 -11.04
CA PHE C 104 8.87 -44.00 -9.86
C PHE C 104 8.04 -45.00 -9.08
N ILE C 105 7.89 -44.70 -7.80
CA ILE C 105 6.98 -45.35 -6.83
C ILE C 105 5.77 -44.43 -6.62
N PHE C 106 4.60 -45.01 -6.42
CA PHE C 106 3.38 -44.26 -6.08
C PHE C 106 2.55 -45.06 -5.08
N LYS C 107 1.68 -44.34 -4.38
CA LYS C 107 0.72 -44.91 -3.40
C LYS C 107 -0.53 -44.03 -3.44
N ASN C 108 -1.69 -44.66 -3.55
CA ASN C 108 -3.01 -44.01 -3.68
C ASN C 108 -2.97 -43.05 -4.87
N GLY C 109 -2.37 -43.46 -5.99
CA GLY C 109 -2.28 -42.67 -7.24
C GLY C 109 -1.39 -41.45 -7.10
N LYS C 110 -0.66 -41.33 -6.00
CA LYS C 110 0.24 -40.19 -5.73
C LYS C 110 1.70 -40.67 -5.81
N ILE C 111 2.51 -40.02 -6.65
CA ILE C 111 3.95 -40.32 -6.82
C ILE C 111 4.67 -40.00 -5.50
N THR C 112 5.42 -40.96 -4.95
CA THR C 112 6.04 -40.84 -3.61
C THR C 112 7.57 -40.84 -3.69
N SER C 113 8.19 -41.45 -4.72
CA SER C 113 9.66 -41.34 -4.92
C SER C 113 10.04 -41.53 -6.39
N ILE C 114 11.20 -40.96 -6.74
CA ILE C 114 11.80 -41.01 -8.10
C ILE C 114 13.02 -41.91 -7.98
N VAL C 115 13.11 -42.91 -8.85
CA VAL C 115 14.27 -43.85 -8.86
C VAL C 115 15.46 -43.14 -9.52
N LYS C 116 16.62 -43.21 -8.87
CA LYS C 116 17.92 -42.68 -9.36
C LYS C 116 18.22 -43.25 -10.75
N ASP C 117 18.71 -42.40 -11.66
CA ASP C 117 19.25 -42.78 -12.99
C ASP C 117 18.12 -43.32 -13.89
N SER C 118 16.87 -42.99 -13.61
CA SER C 118 15.68 -43.44 -14.38
C SER C 118 15.25 -42.36 -15.37
N SER C 119 14.37 -42.73 -16.31
CA SER C 119 13.70 -41.77 -17.23
C SER C 119 12.95 -40.70 -16.41
N ALA C 120 12.32 -41.10 -15.30
CA ALA C 120 11.58 -40.20 -14.38
C ALA C 120 12.55 -39.15 -13.82
N ALA C 121 13.75 -39.59 -13.39
CA ALA C 121 14.83 -38.71 -12.89
C ALA C 121 15.28 -37.74 -14.00
N ARG C 122 15.60 -38.25 -15.19
CA ARG C 122 16.09 -37.40 -16.32
C ARG C 122 15.03 -36.35 -16.73
N ASN C 123 13.74 -36.68 -16.59
CA ASN C 123 12.62 -35.83 -17.10
C ASN C 123 12.06 -34.95 -15.98
N GLY C 124 12.61 -35.06 -14.75
CA GLY C 124 12.25 -34.15 -13.64
C GLY C 124 10.84 -34.39 -13.14
N LEU C 125 10.40 -35.65 -13.13
CA LEU C 125 9.10 -36.03 -12.52
C LEU C 125 9.14 -35.67 -11.04
N LEU C 126 8.01 -35.20 -10.47
CA LEU C 126 7.95 -34.68 -9.08
C LEU C 126 7.10 -35.60 -8.21
N THR C 127 7.43 -35.71 -6.92
CA THR C 127 6.59 -36.40 -5.90
C THR C 127 5.46 -35.47 -5.44
N GLU C 128 4.57 -35.98 -4.57
CA GLU C 128 3.39 -35.27 -4.02
C GLU C 128 2.58 -34.74 -5.20
N HIS C 129 2.52 -35.50 -6.30
CA HIS C 129 1.69 -35.24 -7.49
C HIS C 129 0.80 -36.47 -7.74
N ASN C 130 -0.48 -36.24 -8.01
CA ASN C 130 -1.45 -37.28 -8.38
C ASN C 130 -1.27 -37.59 -9.85
N ILE C 131 -1.34 -38.87 -10.20
CA ILE C 131 -1.35 -39.32 -11.61
C ILE C 131 -2.78 -39.19 -12.10
N CYS C 132 -3.01 -38.41 -13.16
CA CYS C 132 -4.36 -38.14 -13.69
C CYS C 132 -4.63 -39.02 -14.91
N GLU C 133 -3.68 -39.04 -15.85
N GLU C 133 -3.68 -39.05 -15.84
CA GLU C 133 -3.77 -39.82 -17.10
CA GLU C 133 -3.76 -39.78 -17.12
C GLU C 133 -2.43 -40.49 -17.38
C GLU C 133 -2.42 -40.48 -17.37
N ILE C 134 -2.49 -41.67 -17.99
CA ILE C 134 -1.31 -42.36 -18.58
C ILE C 134 -1.65 -42.59 -20.06
N ASN C 135 -0.86 -42.04 -20.97
CA ASN C 135 -1.05 -42.19 -22.43
C ASN C 135 -2.51 -41.87 -22.79
N GLY C 136 -3.04 -40.76 -22.26
CA GLY C 136 -4.39 -40.26 -22.58
C GLY C 136 -5.49 -40.98 -21.82
N GLN C 137 -5.18 -42.07 -21.09
CA GLN C 137 -6.21 -42.84 -20.32
C GLN C 137 -6.33 -42.27 -18.91
N ASN C 138 -7.56 -41.98 -18.49
CA ASN C 138 -7.84 -41.42 -17.14
C ASN C 138 -7.64 -42.53 -16.11
N VAL C 139 -6.91 -42.27 -15.03
CA VAL C 139 -6.61 -43.29 -13.99
C VAL C 139 -7.09 -42.80 -12.62
N ILE C 140 -7.73 -41.62 -12.55
CA ILE C 140 -8.36 -41.13 -11.29
C ILE C 140 -9.41 -42.16 -10.87
N GLY C 141 -9.37 -42.58 -9.61
CA GLY C 141 -10.30 -43.57 -9.05
C GLY C 141 -9.83 -45.01 -9.20
N LEU C 142 -8.82 -45.30 -10.04
CA LEU C 142 -8.30 -46.69 -10.17
C LEU C 142 -7.49 -47.07 -8.92
N LYS C 143 -7.50 -48.35 -8.56
CA LYS C 143 -6.62 -48.93 -7.50
C LYS C 143 -5.18 -48.88 -8.01
N ASP C 144 -4.21 -48.81 -7.10
CA ASP C 144 -2.76 -48.79 -7.42
C ASP C 144 -2.39 -49.95 -8.35
N SER C 145 -2.93 -51.15 -8.13
CA SER C 145 -2.57 -52.36 -8.93
C SER C 145 -3.04 -52.16 -10.37
N GLN C 146 -4.16 -51.45 -10.59
CA GLN C 146 -4.73 -51.17 -11.92
C GLN C 146 -3.86 -50.14 -12.62
N ILE C 147 -3.34 -49.16 -11.90
CA ILE C 147 -2.40 -48.14 -12.45
C ILE C 147 -1.13 -48.86 -12.91
N ALA C 148 -0.58 -49.74 -12.06
CA ALA C 148 0.60 -50.58 -12.40
C ALA C 148 0.29 -51.42 -13.66
N ASP C 149 -0.92 -52.00 -13.75
CA ASP C 149 -1.33 -52.82 -14.94
C ASP C 149 -1.23 -51.96 -16.19
N ILE C 150 -1.70 -50.72 -16.14
CA ILE C 150 -1.70 -49.81 -17.33
C ILE C 150 -0.27 -49.46 -17.69
N LEU C 151 0.58 -49.18 -16.70
CA LEU C 151 2.01 -48.83 -16.96
C LEU C 151 2.71 -50.07 -17.54
N SER C 152 2.43 -51.26 -17.02
CA SER C 152 3.08 -52.53 -17.47
C SER C 152 2.68 -52.86 -18.91
N THR C 153 1.48 -52.46 -19.36
CA THR C 153 0.94 -52.81 -20.71
C THR C 153 1.24 -51.68 -21.70
N SER C 154 1.88 -50.60 -21.24
CA SER C 154 2.25 -49.48 -22.13
C SER C 154 3.38 -49.91 -23.07
N GLY C 155 3.43 -49.33 -24.27
CA GLY C 155 4.64 -49.27 -25.10
C GLY C 155 5.78 -48.55 -24.40
N THR C 156 6.89 -48.33 -25.10
CA THR C 156 8.16 -47.76 -24.57
C THR C 156 7.88 -46.34 -24.07
N VAL C 157 7.12 -45.56 -24.84
CA VAL C 157 6.80 -44.13 -24.57
C VAL C 157 5.66 -44.09 -23.55
N VAL C 158 5.89 -43.49 -22.39
CA VAL C 158 4.89 -43.32 -21.30
C VAL C 158 4.73 -41.82 -21.04
N THR C 159 3.60 -41.24 -21.46
CA THR C 159 3.23 -39.82 -21.22
C THR C 159 2.27 -39.78 -20.04
N ILE C 160 2.65 -39.13 -18.93
CA ILE C 160 1.75 -39.06 -17.76
C ILE C 160 1.35 -37.59 -17.53
N THR C 161 0.08 -37.40 -17.17
CA THR C 161 -0.48 -36.10 -16.76
C THR C 161 -0.55 -36.14 -15.24
N ILE C 162 0.02 -35.13 -14.60
CA ILE C 162 0.11 -35.03 -13.11
C ILE C 162 -0.45 -33.69 -12.65
N MET C 163 -0.65 -33.58 -11.34
CA MET C 163 -1.14 -32.37 -10.65
C MET C 163 -0.67 -32.45 -9.21
N PRO C 164 -0.30 -31.31 -8.57
CA PRO C 164 0.05 -31.31 -7.16
C PRO C 164 -1.12 -31.92 -6.37
N ALA C 165 -0.80 -32.78 -5.40
CA ALA C 165 -1.79 -33.54 -4.59
C ALA C 165 -2.59 -32.59 -3.70
N PHE C 166 -3.85 -32.94 -3.38
CA PHE C 166 -4.73 -32.22 -2.42
C PHE C 166 -6.02 -33.00 -2.11
N MET D 3 7.83 -27.96 -20.51
CA MET D 3 8.11 -28.64 -21.80
C MET D 3 9.41 -28.08 -22.41
N ASP D 4 10.18 -28.98 -23.01
CA ASP D 4 11.51 -28.80 -23.65
C ASP D 4 12.53 -28.23 -22.66
N PRO D 5 13.38 -29.09 -22.03
CA PRO D 5 14.58 -28.63 -21.33
C PRO D 5 15.58 -27.90 -22.24
N ARG D 6 16.41 -27.03 -21.67
CA ARG D 6 17.57 -26.42 -22.37
C ARG D 6 18.82 -26.58 -21.49
N GLU D 7 19.98 -26.60 -22.13
CA GLU D 7 21.29 -26.66 -21.46
C GLU D 7 21.86 -25.24 -21.37
N VAL D 8 22.41 -24.88 -20.21
CA VAL D 8 23.01 -23.56 -19.97
C VAL D 8 24.43 -23.80 -19.43
N ILE D 9 25.37 -22.93 -19.79
CA ILE D 9 26.78 -22.91 -19.28
C ILE D 9 26.95 -21.63 -18.48
N LEU D 10 27.27 -21.74 -17.19
CA LEU D 10 27.59 -20.57 -16.33
C LEU D 10 29.09 -20.57 -16.08
N CYS D 11 29.68 -19.37 -16.14
CA CYS D 11 31.08 -19.11 -15.73
C CYS D 11 31.04 -18.42 -14.37
N LYS D 12 31.72 -19.02 -13.39
CA LYS D 12 31.76 -18.50 -11.99
C LYS D 12 32.30 -17.07 -12.02
N ASP D 13 31.79 -16.20 -11.14
CA ASP D 13 32.23 -14.78 -11.04
C ASP D 13 33.53 -14.71 -10.25
N GLN D 14 34.00 -13.50 -9.92
CA GLN D 14 35.27 -13.23 -9.21
C GLN D 14 35.33 -13.98 -7.87
N ASP D 15 34.18 -14.19 -7.22
CA ASP D 15 34.09 -14.83 -5.88
C ASP D 15 33.86 -16.34 -6.00
N GLY D 16 33.82 -16.90 -7.23
CA GLY D 16 33.61 -18.34 -7.48
C GLY D 16 32.13 -18.75 -7.45
N LYS D 17 31.21 -17.78 -7.47
CA LYS D 17 29.74 -18.00 -7.29
C LYS D 17 29.01 -17.82 -8.62
N ILE D 18 27.80 -18.38 -8.74
CA ILE D 18 26.96 -18.26 -9.96
C ILE D 18 25.75 -17.35 -9.67
N GLY D 19 25.43 -17.07 -8.40
CA GLY D 19 24.35 -16.13 -8.00
C GLY D 19 22.97 -16.79 -7.98
N LEU D 20 22.93 -17.99 -7.42
CA LEU D 20 21.74 -18.88 -7.44
C LEU D 20 21.46 -19.33 -6.00
N ARG D 21 20.21 -19.28 -5.58
CA ARG D 21 19.70 -20.11 -4.45
C ARG D 21 18.69 -21.12 -5.01
N LEU D 22 18.86 -22.38 -4.63
CA LEU D 22 18.04 -23.54 -5.07
C LEU D 22 17.19 -24.01 -3.89
N LYS D 23 16.04 -24.62 -4.21
CA LYS D 23 15.15 -25.23 -3.21
C LYS D 23 14.66 -26.59 -3.72
N SER D 24 14.72 -27.61 -2.86
CA SER D 24 14.13 -28.94 -3.09
C SER D 24 12.62 -28.86 -2.87
N ILE D 25 11.84 -29.16 -3.90
CA ILE D 25 10.36 -29.24 -3.82
C ILE D 25 9.92 -30.50 -4.57
N ASP D 26 9.10 -31.35 -3.93
CA ASP D 26 8.48 -32.55 -4.55
C ASP D 26 9.58 -33.38 -5.25
N ASN D 27 10.74 -33.51 -4.62
CA ASN D 27 11.90 -34.33 -5.08
C ASN D 27 12.43 -33.79 -6.42
N GLY D 28 12.19 -32.50 -6.70
CA GLY D 28 12.85 -31.75 -7.78
C GLY D 28 13.68 -30.63 -7.20
N ILE D 29 14.41 -29.90 -8.04
CA ILE D 29 15.23 -28.73 -7.61
C ILE D 29 14.77 -27.52 -8.43
N PHE D 30 14.44 -26.44 -7.75
CA PHE D 30 13.94 -25.20 -8.37
C PHE D 30 14.77 -23.99 -7.94
N VAL D 31 14.86 -23.02 -8.85
CA VAL D 31 15.52 -21.70 -8.64
C VAL D 31 14.61 -20.87 -7.73
N GLN D 32 15.09 -20.59 -6.51
CA GLN D 32 14.39 -19.75 -5.51
C GLN D 32 14.85 -18.29 -5.64
N LEU D 33 16.09 -18.04 -6.06
CA LEU D 33 16.69 -16.67 -6.15
C LEU D 33 17.75 -16.63 -7.26
N VAL D 34 17.70 -15.60 -8.11
CA VAL D 34 18.75 -15.25 -9.10
C VAL D 34 19.29 -13.85 -8.75
N GLN D 35 20.57 -13.74 -8.40
CA GLN D 35 21.17 -12.44 -7.97
C GLN D 35 21.32 -11.57 -9.22
N ALA D 36 20.95 -10.29 -9.10
CA ALA D 36 21.08 -9.29 -10.18
C ALA D 36 22.51 -9.32 -10.71
N ASN D 37 22.66 -9.35 -12.03
CA ASN D 37 23.94 -9.19 -12.78
C ASN D 37 24.91 -10.34 -12.48
N SER D 38 24.39 -11.48 -12.01
CA SER D 38 25.15 -12.72 -11.72
C SER D 38 25.33 -13.53 -13.01
N PRO D 39 26.27 -14.50 -13.04
CA PRO D 39 26.34 -15.46 -14.14
C PRO D 39 24.99 -16.14 -14.43
N ALA D 40 24.26 -16.53 -13.38
CA ALA D 40 22.89 -17.08 -13.45
C ALA D 40 21.99 -16.12 -14.23
N SER D 41 21.97 -14.84 -13.83
CA SER D 41 21.14 -13.78 -14.46
C SER D 41 21.46 -13.68 -15.94
N LEU D 42 22.75 -13.76 -16.31
CA LEU D 42 23.22 -13.46 -17.67
C LEU D 42 22.87 -14.61 -18.64
N VAL D 43 22.64 -15.83 -18.15
CA VAL D 43 22.23 -16.98 -19.02
C VAL D 43 20.71 -17.17 -18.99
N GLY D 44 19.96 -16.24 -18.37
CA GLY D 44 18.48 -16.18 -18.46
C GLY D 44 17.76 -17.00 -17.40
N LEU D 45 18.45 -17.43 -16.34
CA LEU D 45 17.79 -18.19 -15.24
C LEU D 45 16.81 -17.26 -14.52
N ARG D 46 15.68 -17.83 -14.09
CA ARG D 46 14.57 -17.07 -13.46
C ARG D 46 14.03 -17.88 -12.28
N PHE D 47 13.57 -17.16 -11.27
CA PHE D 47 12.68 -17.70 -10.22
C PHE D 47 11.70 -18.72 -10.82
N GLY D 48 11.68 -19.94 -10.26
CA GLY D 48 10.71 -20.98 -10.65
C GLY D 48 11.24 -21.95 -11.69
N ASP D 49 12.37 -21.64 -12.34
CA ASP D 49 13.05 -22.60 -13.24
C ASP D 49 13.30 -23.90 -12.49
N GLN D 50 13.12 -25.02 -13.17
CA GLN D 50 13.43 -26.36 -12.63
C GLN D 50 14.81 -26.77 -13.13
N VAL D 51 15.66 -27.22 -12.21
CA VAL D 51 17.01 -27.77 -12.53
C VAL D 51 16.91 -29.30 -12.64
N LEU D 52 17.06 -29.85 -13.84
CA LEU D 52 16.98 -31.32 -14.11
C LEU D 52 18.34 -31.98 -13.86
N GLN D 53 19.42 -31.35 -14.33
CA GLN D 53 20.82 -31.86 -14.23
C GLN D 53 21.76 -30.71 -13.83
N ILE D 54 22.72 -31.00 -12.98
CA ILE D 54 23.93 -30.15 -12.74
C ILE D 54 25.17 -30.98 -13.17
N ASN D 55 25.95 -30.46 -14.12
CA ASN D 55 27.12 -31.14 -14.75
C ASN D 55 26.73 -32.57 -15.14
N GLY D 56 25.55 -32.73 -15.75
CA GLY D 56 25.07 -34.01 -16.34
C GLY D 56 24.60 -35.02 -15.31
N GLU D 57 24.53 -34.66 -14.03
CA GLU D 57 23.97 -35.54 -12.95
C GLU D 57 22.54 -35.07 -12.65
N ASN D 58 21.63 -36.03 -12.56
CA ASN D 58 20.19 -35.80 -12.25
C ASN D 58 20.07 -35.21 -10.85
N CYS D 59 19.27 -34.17 -10.69
CA CYS D 59 18.98 -33.51 -9.40
C CYS D 59 17.87 -34.24 -8.63
N ALA D 60 17.16 -35.18 -9.25
CA ALA D 60 15.98 -35.86 -8.66
C ALA D 60 16.32 -36.37 -7.25
N GLY D 61 15.53 -35.99 -6.25
CA GLY D 61 15.68 -36.46 -4.86
C GLY D 61 16.80 -35.75 -4.09
N TRP D 62 17.51 -34.81 -4.69
CA TRP D 62 18.55 -34.03 -3.97
C TRP D 62 17.88 -33.08 -2.98
N SER D 63 18.45 -32.99 -1.77
CA SER D 63 18.16 -31.90 -0.80
C SER D 63 18.68 -30.58 -1.38
N SER D 64 18.14 -29.44 -0.94
CA SER D 64 18.69 -28.09 -1.23
C SER D 64 20.20 -28.07 -0.88
N ASP D 65 20.57 -28.62 0.29
CA ASP D 65 21.99 -28.69 0.77
C ASP D 65 22.86 -29.41 -0.26
N LYS D 66 22.41 -30.56 -0.74
CA LYS D 66 23.19 -31.38 -1.71
C LYS D 66 23.39 -30.57 -2.99
N ALA D 67 22.34 -29.96 -3.54
CA ALA D 67 22.44 -29.14 -4.77
C ALA D 67 23.49 -28.06 -4.55
N HIS D 68 23.46 -27.39 -3.40
CA HIS D 68 24.37 -26.27 -3.04
C HIS D 68 25.80 -26.82 -2.85
N LYS D 69 25.96 -27.96 -2.17
CA LYS D 69 27.29 -28.61 -2.00
C LYS D 69 27.85 -28.95 -3.39
N VAL D 70 27.05 -29.54 -4.28
CA VAL D 70 27.52 -29.96 -5.63
C VAL D 70 28.00 -28.73 -6.38
N LEU D 71 27.28 -27.61 -6.32
CA LEU D 71 27.66 -26.35 -7.01
C LEU D 71 28.96 -25.81 -6.42
N LYS D 72 29.08 -25.83 -5.09
CA LYS D 72 30.24 -25.25 -4.34
C LYS D 72 31.50 -26.09 -4.64
N GLN D 73 31.37 -27.40 -4.74
CA GLN D 73 32.51 -28.34 -4.96
C GLN D 73 32.86 -28.43 -6.45
N ALA D 74 31.99 -27.99 -7.36
CA ALA D 74 32.19 -28.07 -8.83
C ALA D 74 33.58 -27.52 -9.18
N PHE D 75 34.48 -28.39 -9.65
CA PHE D 75 35.83 -28.03 -10.18
C PHE D 75 35.65 -27.16 -11.43
N GLY D 76 36.39 -26.05 -11.51
CA GLY D 76 36.63 -25.28 -12.75
C GLY D 76 35.77 -24.02 -12.88
N GLU D 77 35.96 -23.30 -13.98
CA GLU D 77 35.30 -22.00 -14.27
C GLU D 77 33.86 -22.22 -14.73
N LYS D 78 33.56 -23.43 -15.23
CA LYS D 78 32.37 -23.76 -16.06
C LYS D 78 31.44 -24.72 -15.29
N ILE D 79 30.17 -24.34 -15.14
CA ILE D 79 29.08 -25.21 -14.61
C ILE D 79 28.01 -25.35 -15.71
N THR D 80 27.65 -26.60 -16.06
CA THR D 80 26.52 -26.90 -16.96
C THR D 80 25.28 -27.25 -16.13
N MET D 81 24.12 -26.78 -16.57
CA MET D 81 22.82 -27.15 -15.96
C MET D 81 21.85 -27.48 -17.10
N THR D 82 20.99 -28.50 -16.89
CA THR D 82 19.77 -28.69 -17.71
C THR D 82 18.60 -28.05 -16.98
N ILE D 83 17.87 -27.19 -17.68
CA ILE D 83 16.83 -26.29 -17.11
C ILE D 83 15.51 -26.53 -17.83
N ARG D 84 14.44 -26.62 -17.07
CA ARG D 84 13.06 -26.49 -17.61
C ARG D 84 12.59 -25.08 -17.20
N ASP D 85 12.18 -24.27 -18.18
CA ASP D 85 11.67 -22.89 -17.98
C ASP D 85 10.40 -22.91 -17.13
N ARG D 86 10.44 -22.21 -15.98
CA ARG D 86 9.27 -21.93 -15.10
C ARG D 86 8.08 -22.83 -15.44
N PRO D 87 8.13 -24.14 -15.12
CA PRO D 87 7.01 -25.05 -15.46
C PRO D 87 5.70 -24.83 -14.70
N PHE D 88 5.73 -24.17 -13.54
CA PHE D 88 4.53 -23.81 -12.74
C PHE D 88 3.92 -22.46 -13.14
N GLU D 89 4.45 -21.80 -14.16
CA GLU D 89 4.07 -20.40 -14.57
C GLU D 89 2.61 -20.38 -15.06
N ARG D 90 1.77 -19.52 -14.50
CA ARG D 90 0.35 -19.32 -14.93
C ARG D 90 0.06 -17.83 -15.06
N THR D 91 -0.64 -17.45 -16.12
CA THR D 91 -1.02 -16.05 -16.43
C THR D 91 -2.52 -15.86 -16.19
N ILE D 92 -2.90 -14.78 -15.51
CA ILE D 92 -4.32 -14.38 -15.28
C ILE D 92 -4.44 -12.90 -15.68
N THR D 93 -5.49 -12.58 -16.46
CA THR D 93 -5.81 -11.21 -16.90
C THR D 93 -6.96 -10.67 -16.06
N MET D 94 -6.76 -9.48 -15.51
CA MET D 94 -7.77 -8.77 -14.71
C MET D 94 -7.95 -7.36 -15.28
N HIS D 95 -9.05 -6.71 -14.91
CA HIS D 95 -9.41 -5.33 -15.32
C HIS D 95 -9.58 -4.50 -14.05
N LYS D 96 -8.95 -3.32 -13.99
CA LYS D 96 -9.11 -2.37 -12.87
C LYS D 96 -10.58 -1.94 -12.78
N ASP D 97 -11.11 -1.84 -11.56
CA ASP D 97 -12.46 -1.30 -11.29
C ASP D 97 -12.38 0.24 -11.29
N SER D 98 -13.49 0.91 -10.95
CA SER D 98 -13.61 2.39 -10.98
C SER D 98 -12.62 3.04 -10.01
N THR D 99 -12.16 2.34 -8.97
CA THR D 99 -11.18 2.83 -7.98
C THR D 99 -9.72 2.49 -8.40
N GLY D 100 -9.51 1.88 -9.57
CA GLY D 100 -8.16 1.51 -10.07
C GLY D 100 -7.60 0.23 -9.46
N HIS D 101 -8.45 -0.60 -8.80
CA HIS D 101 -8.03 -1.85 -8.13
C HIS D 101 -8.45 -3.08 -8.95
N VAL D 102 -7.63 -4.13 -8.94
CA VAL D 102 -7.97 -5.48 -9.52
C VAL D 102 -8.52 -6.40 -8.45
N GLY D 103 -8.14 -6.19 -7.18
CA GLY D 103 -8.77 -6.81 -6.01
C GLY D 103 -7.93 -7.89 -5.34
N PHE D 104 -6.67 -7.64 -5.02
CA PHE D 104 -5.88 -8.55 -4.15
C PHE D 104 -4.92 -7.79 -3.27
N ILE D 105 -4.64 -8.42 -2.14
CA ILE D 105 -3.59 -8.02 -1.16
C ILE D 105 -2.41 -8.98 -1.36
N PHE D 106 -1.20 -8.46 -1.17
CA PHE D 106 0.03 -9.29 -1.22
C PHE D 106 1.01 -8.79 -0.15
N LYS D 107 1.94 -9.66 0.20
CA LYS D 107 3.05 -9.39 1.15
C LYS D 107 4.26 -10.22 0.72
N ASN D 108 5.42 -9.58 0.64
CA ASN D 108 6.69 -10.18 0.18
C ASN D 108 6.46 -10.80 -1.21
N GLY D 109 5.77 -10.10 -2.11
CA GLY D 109 5.53 -10.55 -3.50
C GLY D 109 4.55 -11.72 -3.58
N LYS D 110 3.94 -12.10 -2.47
CA LYS D 110 3.06 -13.29 -2.40
C LYS D 110 1.62 -12.82 -2.14
N ILE D 111 0.70 -13.22 -3.02
CA ILE D 111 -0.75 -12.90 -2.89
C ILE D 111 -1.30 -13.54 -1.61
N THR D 112 -1.94 -12.77 -0.73
CA THR D 112 -2.38 -13.24 0.61
C THR D 112 -3.92 -13.22 0.74
N SER D 113 -4.65 -12.38 0.00
CA SER D 113 -6.14 -12.41 0.00
C SER D 113 -6.71 -11.84 -1.30
N ILE D 114 -7.94 -12.26 -1.61
CA ILE D 114 -8.72 -11.88 -2.81
C ILE D 114 -9.88 -11.02 -2.30
N VAL D 115 -10.06 -9.83 -2.88
CA VAL D 115 -11.16 -8.91 -2.48
C VAL D 115 -12.45 -9.39 -3.15
N LYS D 116 -13.52 -9.46 -2.36
CA LYS D 116 -14.88 -9.83 -2.81
C LYS D 116 -15.31 -8.92 -3.98
N ASP D 117 -15.95 -9.49 -5.00
CA ASP D 117 -16.63 -8.76 -6.11
C ASP D 117 -15.60 -8.03 -6.99
N SER D 118 -14.34 -8.46 -6.96
CA SER D 118 -13.23 -7.85 -7.73
C SER D 118 -12.98 -8.65 -9.01
N SER D 119 -12.22 -8.07 -9.92
CA SER D 119 -11.71 -8.76 -11.13
C SER D 119 -10.89 -9.99 -10.72
N ALA D 120 -10.12 -9.89 -9.65
CA ALA D 120 -9.31 -11.02 -9.09
C ALA D 120 -10.25 -12.17 -8.69
N ALA D 121 -11.37 -11.85 -8.03
CA ALA D 121 -12.42 -12.83 -7.62
C ALA D 121 -13.04 -13.47 -8.87
N ARG D 122 -13.47 -12.68 -9.85
CA ARG D 122 -14.12 -13.19 -11.09
C ARG D 122 -13.17 -14.10 -11.86
N ASN D 123 -11.85 -13.84 -11.81
CA ASN D 123 -10.85 -14.53 -12.66
C ASN D 123 -10.23 -15.70 -11.87
N GLY D 124 -10.59 -15.90 -10.61
CA GLY D 124 -10.12 -17.03 -9.80
C GLY D 124 -8.64 -16.94 -9.48
N LEU D 125 -8.15 -15.72 -9.23
CA LEU D 125 -6.78 -15.51 -8.71
C LEU D 125 -6.62 -16.26 -7.37
N LEU D 126 -5.46 -16.85 -7.13
CA LEU D 126 -5.21 -17.72 -5.95
C LEU D 126 -4.20 -17.08 -5.00
N THR D 127 -4.34 -17.33 -3.69
CA THR D 127 -3.37 -16.92 -2.66
C THR D 127 -2.20 -17.93 -2.60
N GLU D 128 -1.20 -17.65 -1.77
CA GLU D 128 0.02 -18.49 -1.63
C GLU D 128 0.64 -18.69 -3.02
N HIS D 129 0.56 -17.68 -3.87
CA HIS D 129 1.20 -17.62 -5.20
C HIS D 129 2.09 -16.37 -5.23
N ASN D 130 3.30 -16.52 -5.76
CA ASN D 130 4.25 -15.41 -5.94
C ASN D 130 3.89 -14.69 -7.23
N ILE D 131 3.97 -13.37 -7.21
CA ILE D 131 3.81 -12.54 -8.43
C ILE D 131 5.17 -12.54 -9.13
N CYS D 132 5.21 -13.00 -10.37
CA CYS D 132 6.47 -13.13 -11.14
C CYS D 132 6.59 -11.97 -12.11
N GLU D 133 5.52 -11.69 -12.86
CA GLU D 133 5.48 -10.59 -13.87
C GLU D 133 4.15 -9.87 -13.77
N ILE D 134 4.16 -8.57 -14.05
CA ILE D 134 2.96 -7.73 -14.26
C ILE D 134 3.09 -7.12 -15.66
N ASN D 135 2.15 -7.41 -16.55
CA ASN D 135 2.16 -6.93 -17.96
C ASN D 135 3.54 -7.21 -18.57
N GLY D 136 4.06 -8.43 -18.39
CA GLY D 136 5.33 -8.89 -19.00
C GLY D 136 6.57 -8.37 -18.28
N GLN D 137 6.42 -7.48 -17.28
CA GLN D 137 7.57 -6.92 -16.53
C GLN D 137 7.87 -7.78 -15.31
N ASN D 138 9.12 -8.19 -15.15
CA ASN D 138 9.57 -9.06 -14.03
C ASN D 138 9.52 -8.25 -12.72
N VAL D 139 8.93 -8.79 -11.66
CA VAL D 139 8.82 -8.10 -10.35
C VAL D 139 9.44 -8.94 -9.24
N ILE D 140 10.04 -10.09 -9.56
CA ILE D 140 10.81 -10.90 -8.59
C ILE D 140 11.94 -10.01 -8.06
N GLY D 141 12.09 -9.94 -6.74
CA GLY D 141 13.16 -9.16 -6.08
C GLY D 141 12.75 -7.72 -5.81
N LEU D 142 11.64 -7.22 -6.36
CA LEU D 142 11.18 -5.84 -6.05
C LEU D 142 10.56 -5.82 -4.64
N LYS D 143 10.67 -4.69 -3.96
CA LYS D 143 9.94 -4.41 -2.69
C LYS D 143 8.45 -4.34 -3.01
N ASP D 144 7.60 -4.66 -2.03
CA ASP D 144 6.12 -4.58 -2.15
C ASP D 144 5.69 -3.22 -2.68
N SER D 145 6.29 -2.11 -2.22
CA SER D 145 5.86 -0.74 -2.62
C SER D 145 6.16 -0.52 -4.10
N GLN D 146 7.23 -1.13 -4.62
CA GLN D 146 7.59 -1.05 -6.06
C GLN D 146 6.60 -1.86 -6.91
N ILE D 147 6.14 -3.00 -6.39
CA ILE D 147 5.10 -3.82 -7.09
C ILE D 147 3.80 -2.99 -7.14
N ALA D 148 3.40 -2.38 -6.02
CA ALA D 148 2.24 -1.46 -5.95
C ALA D 148 2.42 -0.31 -6.96
N ASP D 149 3.62 0.26 -7.07
CA ASP D 149 3.92 1.36 -8.04
C ASP D 149 3.61 0.87 -9.46
N ILE D 150 4.03 -0.34 -9.81
CA ILE D 150 3.84 -0.89 -11.17
C ILE D 150 2.34 -1.11 -11.41
N LEU D 151 1.62 -1.64 -10.43
CA LEU D 151 0.15 -1.88 -10.56
C LEU D 151 -0.55 -0.53 -10.69
N SER D 152 -0.15 0.49 -9.91
CA SER D 152 -0.78 1.83 -9.93
C SER D 152 -0.55 2.53 -11.27
N THR D 153 0.54 2.25 -11.97
CA THR D 153 0.90 2.91 -13.24
C THR D 153 0.41 2.10 -14.44
N SER D 154 -0.19 0.96 -14.19
CA SER D 154 -0.73 0.10 -15.28
C SER D 154 -1.97 0.76 -15.89
N GLY D 155 -2.20 0.53 -17.19
CA GLY D 155 -3.52 0.69 -17.81
C GLY D 155 -4.58 -0.19 -17.14
N THR D 156 -5.81 -0.16 -17.66
CA THR D 156 -6.98 -0.88 -17.12
C THR D 156 -6.69 -2.38 -17.12
N VAL D 157 -6.09 -2.91 -18.18
CA VAL D 157 -5.79 -4.38 -18.36
C VAL D 157 -4.52 -4.71 -17.57
N VAL D 158 -4.63 -5.61 -16.58
CA VAL D 158 -3.49 -6.09 -15.75
C VAL D 158 -3.38 -7.60 -15.95
N THR D 159 -2.34 -8.05 -16.65
CA THR D 159 -1.99 -9.48 -16.84
C THR D 159 -0.89 -9.83 -15.84
N ILE D 160 -1.14 -10.74 -14.91
CA ILE D 160 -0.10 -11.14 -13.91
C ILE D 160 0.28 -12.61 -14.18
N THR D 161 1.57 -12.89 -14.07
CA THR D 161 2.14 -14.25 -14.08
C THR D 161 2.40 -14.63 -12.63
N ILE D 162 1.87 -15.77 -12.21
CA ILE D 162 1.96 -16.28 -10.81
C ILE D 162 2.53 -17.70 -10.82
N MET D 163 2.89 -18.16 -9.63
CA MET D 163 3.44 -19.51 -9.37
C MET D 163 3.15 -19.84 -7.92
N PRO D 164 2.82 -21.11 -7.60
CA PRO D 164 2.67 -21.51 -6.21
C PRO D 164 3.96 -21.16 -5.46
N ALA D 165 3.82 -20.64 -4.25
CA ALA D 165 4.95 -20.32 -3.36
C ALA D 165 5.65 -21.60 -2.89
C13 K7Z E . 6.51 4.19 8.63
C10 K7Z E . 0.07 1.36 14.93
C9 K7Z E . 0.84 1.00 13.84
C8 K7Z E . 1.97 1.75 13.51
C7 K7Z E . 2.31 2.85 14.29
C6 K7Z E . 5.22 2.75 14.20
C11 K7Z E . 0.42 2.46 15.72
C4 K7Z E . 5.95 2.72 11.86
N K7Z E . 5.95 3.74 10.84
C K7Z E . 3.14 2.84 9.92
O K7Z E . 5.63 1.61 11.60
CL K7Z E . -1.37 0.41 15.33
C1 K7Z E . 4.10 3.79 9.21
O1 K7Z E . 7.37 4.88 9.22
C2 K7Z E . 3.79 5.25 9.54
O2 K7Z E . 6.45 4.15 7.37
C3 K7Z E . 5.55 3.42 9.49
C5 K7Z E . 6.37 3.06 13.28
C12 K7Z E . 1.55 3.19 15.39
S K7Z E . 3.78 3.82 13.86
C ACT F . -25.13 17.73 18.61
O ACT F . -24.45 16.84 19.17
OXT ACT F . -25.73 17.56 17.54
CH3 ACT F . -25.20 19.11 19.30
C13 K7Z G . -8.09 47.75 15.92
C10 K7Z G . -0.49 48.96 21.69
C9 K7Z G . -0.80 47.68 22.16
C8 K7Z G . -1.96 47.05 21.71
C7 K7Z G . -2.79 47.70 20.80
C6 K7Z G . -5.59 47.65 21.22
C11 K7Z G . -1.33 49.61 20.79
C4 K7Z G . -6.73 48.58 19.14
N K7Z G . -6.97 47.81 17.97
C K7Z G . -5.32 46.37 16.18
O K7Z G . -6.41 49.71 19.05
CL K7Z G . 0.98 49.77 22.24
C1 K7Z G . -5.55 47.88 16.03
O1 K7Z G . -8.29 47.94 14.69
C2 K7Z G . -4.41 48.70 16.68
O2 K7Z G . -8.92 47.07 16.57
C3 K7Z G . -6.88 48.34 16.64
C5 K7Z G . -6.89 47.89 20.46
C12 K7Z G . -2.49 48.98 20.34
S K7Z G . -4.30 46.88 20.22
C ACT H . 23.63 34.59 13.35
O ACT H . 24.56 33.79 13.22
OXT ACT H . 23.23 35.36 12.44
CH3 ACT H . 22.91 34.64 14.71
C13 K7Z I . 7.97 -47.99 -13.16
C10 K7Z I . 1.44 -50.81 -6.89
C9 K7Z I . 2.17 -51.14 -8.01
C8 K7Z I . 3.30 -50.42 -8.33
C7 K7Z I . 3.68 -49.37 -7.50
C6 K7Z I . 6.55 -49.61 -7.70
C11 K7Z I . 1.82 -49.77 -6.07
C4 K7Z I . 7.31 -49.70 -10.07
N K7Z I . 7.35 -48.60 -11.00
C K7Z I . 4.48 -49.15 -11.99
O K7Z I . 6.94 -50.76 -10.41
CL K7Z I . 0.00 -51.76 -6.51
C1 K7Z I . 5.54 -48.18 -12.50
O1 K7Z I . 8.88 -47.43 -12.49
C2 K7Z I . 5.41 -46.87 -11.72
O2 K7Z I . 7.93 -47.94 -14.42
C3 K7Z I . 6.95 -48.76 -12.37
C5 K7Z I . 7.72 -49.40 -8.65
C12 K7Z I . 2.96 -49.04 -6.37
S K7Z I . 5.16 -48.42 -7.91
C13 K7Z J . -5.26 -3.79 -6.41
C10 K7Z J . 2.22 -2.70 -0.36
C9 K7Z J . 1.51 -2.09 -1.38
C8 K7Z J . 0.36 -2.69 -1.84
C7 K7Z J . -0.06 -3.88 -1.28
C6 K7Z J . -2.89 -3.73 -0.98
C11 K7Z J . 1.80 -3.89 0.21
C4 K7Z J . -4.04 -2.98 -3.07
N K7Z J . -4.24 -3.79 -4.24
C K7Z J . -2.67 -5.39 -5.85
O K7Z J . -3.72 -1.86 -3.13
CL K7Z J . 3.69 -1.92 0.20
C1 K7Z J . -2.80 -3.89 -6.16
O1 K7Z J . -5.30 -3.58 -7.65
C2 K7Z J . -1.59 -3.10 -5.68
O2 K7Z J . -6.20 -4.42 -5.86
C3 K7Z J . -4.08 -3.30 -5.58
C5 K7Z J . -4.22 -3.64 -1.72
C12 K7Z J . 0.64 -4.48 -0.25
S K7Z J . -1.59 -4.64 -1.89
C ACT K . 26.23 -19.03 -5.40
O ACT K . 25.68 -18.67 -4.34
OXT ACT K . 26.33 -18.29 -6.41
CH3 ACT K . 26.82 -20.45 -5.48
#